data_9D3K
#
_entry.id   9D3K
#
_cell.length_a   1.00
_cell.length_b   1.00
_cell.length_c   1.00
_cell.angle_alpha   90.00
_cell.angle_beta   90.00
_cell.angle_gamma   90.00
#
_symmetry.space_group_name_H-M   'P 1'
#
loop_
_entity.id
_entity.type
_entity.pdbx_description
1 polymer 'Histone H3.2'
2 polymer 'Histone H4'
3 polymer 'Histone H2A type 2-A'
4 polymer 'Histone H2B type 1-M'
5 polymer 'Histone H2B type 1-M'
6 polymer '601 DNA'
7 polymer '601 DNA'
8 polymer 'Damage suppressor protein'
#
loop_
_entity_poly.entity_id
_entity_poly.type
_entity_poly.pdbx_seq_one_letter_code
_entity_poly.pdbx_strand_id
1 'polypeptide(L)'
;YRPGTVALREIRRYQKSTELLIRKLPFQRLVREIAQDFKTDLRFQSSAVMALQEASEAYLVGLFEDTNLCAIHAKRVTIM
PKDIQLARRIRGERA
;
A,E
2 'polypeptide(L)' RDNIQGITKPAIRRLARRGGVKRISGLIYEETRGVLKVFLENVIRDAVTYTEHAKRKTVTAMDVVYALKRQGRTLYGFG B,F
3 'polypeptide(L)'
;KSRSSRAGLQFPVGRVHRLLRKGNYAERVGAGAPVYMAAVLEYLTAEILELAGNAARDNKKTRIIPRHLQLAIRNDEELN
KLLGKVTIAQGGVLPNIQAVLL
;
C,G
4 'polypeptide(L)'
;KESYSVYVYKVLKQVHPDTGISSKAMGIMNSFVNDIFERIAGEASRLAHYNKRSTITSREIQTAVRLLLPGELAKHAVSE
GTKAVTKYTS
;
D
5 'polypeptide(L)'
;ESYSVYVYKVLKQVHPDTGISSKAMGIMNSFVNDIFERIAGEASRLAHYNKRSTITSREIQTAVRLLLPGELAKHAVSEG
TKAVTKYTSS
;
H
6 'polydeoxyribonucleotide'
;(DT)(DG)(DG)(DA)(DG)(DA)(DC)(DT)(DA)(DG)(DG)(DG)(DA)(DG)(DT)(DA)(DA)(DT)(DC)(DC)
(DC)(DC)(DT)(DT)(DG)(DG)(DC)(DG)(DG)(DT)(DT)(DA)(DA)(DA)(DA)(DC)(DG)(DC)(DG)(DG)
(DG)(DG)(DG)(DA)(DC)(DA)(DG)(DC)(DG)(DC)(DG)(DT)(DA)(DC)(DG)(DT)(DG)(DC)(DG)(DT)
(DT)(DT)(DA)(DA)(DG)(DC)(DG)(DG)(DT)(DG)(DC)(DT)(DA)(DG)(DA)(DG)(DC)(DT)(DG)(DT)
(DC)(DT)(DA)(DC)(DG)(DA)(DC)(DC)(DA)(DA)(DT)(DT)(DG)(DA)
;
J
7 'polydeoxyribonucleotide'
;(DT)(DC)(DA)(DA)(DT)(DT)(DG)(DG)(DT)(DC)(DG)(DT)(DA)(DG)(DA)(DC)(DA)(DG)(DC)(DT)
(DC)(DT)(DA)(DG)(DC)(DA)(DC)(DC)(DG)(DC)(DT)(DT)(DA)(DA)(DA)(DC)(DG)(DC)(DA)(DC)
(DG)(DT)(DA)(DC)(DG)(DC)(DG)(DC)(DT)(DG)(DT)(DC)(DC)(DC)(DC)(DC)(DG)(DC)(DG)(DT)
(DT)(DT)(DT)(DA)(DA)(DC)(DC)(DG)(DC)(DC)(DA)(DA)(DG)(DG)(DG)(DG)(DA)(DT)(DT)(DA)
(DC)(DT)(DC)(DC)(DC)(DT)(DA)(DG)(DT)(DC)(DT)(DC)(DC)(DA)
;
I
8 'polypeptide(L)' PPRRSSRL L,K
#
# COMPACT_ATOMS: atom_id res chain seq x y z
N TYR A 1 42.02 -20.22 -1.73
CA TYR A 1 41.39 -19.12 -1.02
C TYR A 1 40.65 -19.60 0.22
N ARG A 2 40.59 -18.75 1.24
CA ARG A 2 39.79 -19.09 2.41
C ARG A 2 38.30 -18.91 2.11
N PRO A 3 37.45 -19.81 2.61
CA PRO A 3 36.01 -19.70 2.33
C PRO A 3 35.41 -18.40 2.88
N GLY A 4 34.96 -17.53 1.98
CA GLY A 4 34.37 -16.27 2.39
C GLY A 4 34.95 -15.05 1.69
N THR A 5 36.25 -15.07 1.41
CA THR A 5 36.87 -13.94 0.72
C THR A 5 36.36 -13.83 -0.72
N VAL A 6 36.31 -14.95 -1.44
CA VAL A 6 35.69 -14.94 -2.76
C VAL A 6 34.23 -14.57 -2.66
N ALA A 7 33.54 -14.96 -1.58
CA ALA A 7 32.16 -14.55 -1.37
C ALA A 7 32.03 -13.04 -1.24
N LEU A 8 32.92 -12.41 -0.46
CA LEU A 8 32.86 -10.96 -0.33
C LEU A 8 33.20 -10.26 -1.64
N ARG A 9 34.19 -10.76 -2.37
CA ARG A 9 34.49 -10.21 -3.69
C ARG A 9 33.31 -10.34 -4.63
N GLU A 10 32.60 -11.48 -4.57
CA GLU A 10 31.42 -11.68 -5.38
C GLU A 10 30.29 -10.74 -4.99
N ILE A 11 30.11 -10.50 -3.69
CA ILE A 11 29.14 -9.52 -3.23
C ILE A 11 29.45 -8.14 -3.81
N ARG A 12 30.72 -7.72 -3.70
CA ARG A 12 31.11 -6.42 -4.23
C ARG A 12 30.93 -6.36 -5.74
N ARG A 13 31.24 -7.45 -6.44
CA ARG A 13 31.10 -7.50 -7.89
C ARG A 13 29.64 -7.32 -8.31
N TYR A 14 28.74 -8.07 -7.68
CA TYR A 14 27.34 -8.04 -8.11
C TYR A 14 26.55 -6.91 -7.47
N GLN A 15 27.14 -6.18 -6.52
CA GLN A 15 26.46 -5.06 -5.91
C GLN A 15 26.73 -3.74 -6.61
N LYS A 16 27.80 -3.65 -7.40
CA LYS A 16 28.06 -2.46 -8.22
C LYS A 16 27.59 -2.63 -9.66
N SER A 17 27.12 -3.81 -10.03
CA SER A 17 26.58 -4.05 -11.36
C SER A 17 25.08 -3.81 -11.37
N THR A 18 24.53 -3.67 -12.58
CA THR A 18 23.10 -3.44 -12.76
C THR A 18 22.46 -4.41 -13.74
N GLU A 19 23.22 -5.38 -14.27
CA GLU A 19 22.68 -6.31 -15.22
C GLU A 19 21.74 -7.30 -14.54
N LEU A 20 20.95 -7.99 -15.35
CA LEU A 20 20.06 -9.03 -14.86
C LEU A 20 20.85 -10.29 -14.59
N LEU A 21 20.65 -10.87 -13.40
CA LEU A 21 21.45 -11.99 -12.92
C LEU A 21 20.88 -13.36 -13.30
N ILE A 22 19.66 -13.41 -13.83
CA ILE A 22 19.09 -14.64 -14.35
C ILE A 22 19.20 -14.62 -15.86
N ARG A 23 19.48 -15.79 -16.44
CA ARG A 23 19.53 -15.91 -17.89
C ARG A 23 18.15 -15.60 -18.48
N LYS A 24 18.13 -14.92 -19.62
CA LYS A 24 16.87 -14.42 -20.17
C LYS A 24 16.01 -15.54 -20.74
N LEU A 25 16.61 -16.49 -21.45
CA LEU A 25 15.81 -17.55 -22.07
C LEU A 25 15.12 -18.44 -21.04
N PRO A 26 15.79 -18.96 -20.01
CA PRO A 26 15.07 -19.76 -19.00
C PRO A 26 13.98 -18.97 -18.30
N PHE A 27 14.22 -17.70 -17.99
CA PHE A 27 13.19 -16.88 -17.37
C PHE A 27 12.00 -16.68 -18.29
N GLN A 28 12.26 -16.47 -19.59
CA GLN A 28 11.18 -16.35 -20.56
C GLN A 28 10.35 -17.61 -20.63
N ARG A 29 11.01 -18.77 -20.66
CA ARG A 29 10.26 -20.03 -20.69
C ARG A 29 9.46 -20.24 -19.42
N LEU A 30 10.02 -19.86 -18.26
CA LEU A 30 9.26 -19.93 -17.02
C LEU A 30 8.03 -19.03 -17.06
N VAL A 31 8.20 -17.81 -17.57
CA VAL A 31 7.08 -16.86 -17.63
C VAL A 31 5.98 -17.38 -18.53
N ARG A 32 6.33 -17.93 -19.70
CA ARG A 32 5.32 -18.49 -20.58
C ARG A 32 4.67 -19.73 -19.99
N GLU A 33 5.44 -20.59 -19.30
CA GLU A 33 4.86 -21.75 -18.63
C GLU A 33 3.86 -21.34 -17.56
N ILE A 34 4.17 -20.30 -16.79
CA ILE A 34 3.24 -19.81 -15.79
C ILE A 34 2.00 -19.22 -16.45
N ALA A 35 2.19 -18.38 -17.47
CA ALA A 35 1.05 -17.75 -18.14
C ALA A 35 0.17 -18.76 -18.85
N GLN A 36 0.70 -19.93 -19.19
CA GLN A 36 -0.11 -20.95 -19.85
C GLN A 36 -1.28 -21.43 -18.97
N ASP A 37 -1.19 -21.24 -17.66
CA ASP A 37 -2.26 -21.64 -16.76
C ASP A 37 -3.39 -20.63 -16.66
N PHE A 38 -3.20 -19.43 -17.20
CA PHE A 38 -4.22 -18.40 -17.17
C PHE A 38 -4.84 -18.13 -18.54
N LYS A 39 -4.09 -18.34 -19.61
CA LYS A 39 -4.62 -18.22 -20.97
C LYS A 39 -3.68 -18.93 -21.94
N THR A 40 -4.23 -19.55 -22.98
CA THR A 40 -3.44 -20.25 -23.97
C THR A 40 -3.19 -19.37 -25.18
N ASP A 41 -2.12 -19.70 -25.92
CA ASP A 41 -1.73 -18.97 -27.12
C ASP A 41 -1.51 -17.48 -26.81
N LEU A 42 -0.85 -17.21 -25.70
CA LEU A 42 -0.60 -15.85 -25.24
C LEU A 42 0.75 -15.37 -25.75
N ARG A 43 0.75 -14.33 -26.57
CA ARG A 43 1.98 -13.70 -27.01
C ARG A 43 2.52 -12.80 -25.91
N PHE A 44 3.80 -12.44 -26.02
CA PHE A 44 4.45 -11.58 -25.04
C PHE A 44 5.35 -10.59 -25.74
N GLN A 45 5.13 -9.31 -25.49
CA GLN A 45 6.10 -8.31 -25.88
C GLN A 45 7.43 -8.56 -25.16
N SER A 46 8.52 -8.33 -25.87
CA SER A 46 9.85 -8.46 -25.28
C SER A 46 10.03 -7.54 -24.08
N SER A 47 9.52 -6.30 -24.16
CA SER A 47 9.50 -5.41 -23.02
C SER A 47 8.67 -5.93 -21.86
N ALA A 48 7.61 -6.69 -22.12
CA ALA A 48 6.83 -7.27 -21.03
C ALA A 48 7.67 -8.26 -20.23
N VAL A 49 8.35 -9.17 -20.92
CA VAL A 49 9.19 -10.15 -20.23
C VAL A 49 10.37 -9.44 -19.56
N MET A 50 10.90 -8.39 -20.18
CA MET A 50 11.99 -7.65 -19.55
C MET A 50 11.52 -6.97 -18.26
N ALA A 51 10.32 -6.39 -18.28
CA ALA A 51 9.76 -5.80 -17.07
C ALA A 51 9.52 -6.85 -16.00
N LEU A 52 9.01 -8.02 -16.38
CA LEU A 52 8.83 -9.09 -15.42
C LEU A 52 10.14 -9.51 -14.80
N GLN A 53 11.20 -9.65 -15.61
CA GLN A 53 12.50 -10.01 -15.07
C GLN A 53 13.06 -8.95 -14.17
N GLU A 54 12.94 -7.67 -14.53
CA GLU A 54 13.45 -6.61 -13.68
C GLU A 54 12.72 -6.60 -12.33
N ALA A 55 11.39 -6.70 -12.37
CA ALA A 55 10.62 -6.71 -11.13
C ALA A 55 10.97 -7.93 -10.27
N SER A 56 11.07 -9.11 -10.90
CA SER A 56 11.35 -10.33 -10.16
C SER A 56 12.74 -10.28 -9.52
N GLU A 57 13.73 -9.81 -10.27
CA GLU A 57 15.08 -9.71 -9.72
C GLU A 57 15.20 -8.68 -8.62
N ALA A 58 14.58 -7.50 -8.77
CA ALA A 58 14.55 -6.55 -7.67
C ALA A 58 13.85 -7.11 -6.45
N TYR A 59 12.73 -7.81 -6.65
CA TYR A 59 12.01 -8.42 -5.55
C TYR A 59 12.85 -9.45 -4.82
N LEU A 60 13.55 -10.32 -5.56
CA LEU A 60 14.37 -11.33 -4.93
C LEU A 60 15.58 -10.74 -4.22
N VAL A 61 16.19 -9.70 -4.80
CA VAL A 61 17.32 -9.05 -4.12
C VAL A 61 16.87 -8.39 -2.83
N GLY A 62 15.73 -7.67 -2.89
CA GLY A 62 15.20 -7.05 -1.69
C GLY A 62 14.79 -8.06 -0.63
N LEU A 63 14.25 -9.20 -1.04
CA LEU A 63 13.93 -10.28 -0.12
C LEU A 63 15.16 -10.94 0.48
N PHE A 64 16.24 -11.08 -0.30
CA PHE A 64 17.49 -11.60 0.25
C PHE A 64 18.11 -10.65 1.25
N GLU A 65 17.92 -9.33 1.07
CA GLU A 65 18.36 -8.40 2.11
C GLU A 65 17.68 -8.69 3.45
N ASP A 66 16.36 -8.86 3.45
CA ASP A 66 15.60 -9.21 4.65
C ASP A 66 15.98 -10.58 5.19
N THR A 67 16.20 -11.55 4.31
CA THR A 67 16.65 -12.87 4.73
C THR A 67 18.01 -12.80 5.42
N ASN A 68 18.93 -11.97 4.90
CA ASN A 68 20.21 -11.78 5.54
C ASN A 68 20.06 -11.11 6.91
N LEU A 69 19.13 -10.15 7.02
CA LEU A 69 18.86 -9.57 8.33
C LEU A 69 18.36 -10.62 9.32
N CYS A 70 17.45 -11.49 8.90
CA CYS A 70 16.99 -12.57 9.76
C CYS A 70 18.08 -13.57 10.09
N ALA A 71 19.02 -13.81 9.17
CA ALA A 71 20.17 -14.66 9.46
C ALA A 71 21.05 -14.04 10.53
N ILE A 72 21.35 -12.76 10.41
CA ILE A 72 22.18 -12.09 11.41
C ILE A 72 21.45 -12.03 12.75
N HIS A 73 20.12 -11.94 12.74
CA HIS A 73 19.37 -11.92 13.99
C HIS A 73 19.58 -13.18 14.80
N ALA A 74 19.63 -14.34 14.14
CA ALA A 74 19.87 -15.61 14.80
C ALA A 74 21.35 -15.90 15.00
N LYS A 75 22.20 -14.86 14.96
CA LYS A 75 23.64 -15.00 15.20
C LYS A 75 24.27 -16.00 14.24
N ARG A 76 23.86 -15.95 12.99
CA ARG A 76 24.35 -16.86 11.96
C ARG A 76 24.84 -16.06 10.77
N VAL A 77 25.53 -16.77 9.86
CA VAL A 77 26.07 -16.16 8.66
C VAL A 77 25.37 -16.79 7.46
N THR A 78 24.98 -18.05 7.60
CA THR A 78 24.31 -18.78 6.54
C THR A 78 22.83 -18.46 6.56
N ILE A 79 22.27 -18.13 5.42
CA ILE A 79 20.82 -17.94 5.29
C ILE A 79 20.17 -19.30 5.09
N MET A 80 19.10 -19.55 5.82
CA MET A 80 18.34 -20.79 5.76
C MET A 80 16.91 -20.50 5.35
N PRO A 81 16.16 -21.51 4.92
CA PRO A 81 14.75 -21.27 4.56
C PRO A 81 13.94 -20.68 5.69
N LYS A 82 14.33 -20.95 6.94
CA LYS A 82 13.74 -20.34 8.11
C LYS A 82 13.72 -18.83 8.00
N ASP A 83 14.85 -18.27 7.57
CA ASP A 83 15.00 -16.82 7.42
C ASP A 83 14.11 -16.26 6.32
N ILE A 84 14.02 -16.93 5.18
CA ILE A 84 13.13 -16.51 4.12
C ILE A 84 11.68 -16.52 4.60
N GLN A 85 11.30 -17.58 5.31
CA GLN A 85 9.94 -17.66 5.84
C GLN A 85 9.66 -16.55 6.85
N LEU A 86 10.60 -16.26 7.74
CA LEU A 86 10.40 -15.17 8.70
C LEU A 86 10.26 -13.83 7.99
N ALA A 87 11.13 -13.56 7.02
CA ALA A 87 11.06 -12.29 6.30
C ALA A 87 9.74 -12.16 5.55
N ARG A 88 9.30 -13.23 4.90
CA ARG A 88 8.06 -13.18 4.14
C ARG A 88 6.85 -13.04 5.06
N ARG A 89 6.88 -13.66 6.24
CA ARG A 89 5.75 -13.53 7.15
C ARG A 89 5.69 -12.15 7.77
N ILE A 90 6.84 -11.57 8.14
CA ILE A 90 6.82 -10.21 8.69
C ILE A 90 6.45 -9.20 7.62
N ARG A 91 6.88 -9.41 6.38
CA ARG A 91 6.49 -8.55 5.27
C ARG A 91 5.00 -8.64 4.95
N GLY A 92 4.30 -9.63 5.48
CA GLY A 92 2.91 -9.84 5.16
C GLY A 92 2.64 -10.69 3.94
N GLU A 93 3.69 -11.14 3.25
CA GLU A 93 3.52 -12.05 2.12
C GLU A 93 2.92 -13.37 2.58
N ARG A 94 3.42 -13.91 3.70
CA ARG A 94 2.91 -15.13 4.28
C ARG A 94 1.77 -14.79 5.25
N ALA A 95 1.36 -15.76 6.07
CA ALA A 95 0.30 -15.54 7.05
C ALA A 95 0.66 -14.42 8.02
N ARG B 1 6.92 -27.42 -19.14
CA ARG B 1 7.01 -28.16 -17.88
C ARG B 1 8.42 -28.09 -17.30
N ASP B 2 8.49 -27.98 -15.98
CA ASP B 2 9.76 -27.98 -15.25
C ASP B 2 10.71 -26.89 -15.74
N ASN B 3 10.18 -25.70 -16.01
CA ASN B 3 10.99 -24.56 -16.38
C ASN B 3 11.48 -23.76 -15.18
N ILE B 4 11.00 -24.11 -13.98
CA ILE B 4 11.49 -23.47 -12.77
C ILE B 4 12.93 -23.88 -12.46
N GLN B 5 13.38 -25.03 -12.95
CA GLN B 5 14.76 -25.44 -12.80
C GLN B 5 15.73 -24.63 -13.65
N GLY B 6 15.21 -23.88 -14.63
CA GLY B 6 16.04 -22.96 -15.39
C GLY B 6 16.55 -21.79 -14.57
N ILE B 7 15.89 -21.49 -13.45
CA ILE B 7 16.42 -20.56 -12.46
C ILE B 7 17.43 -21.37 -11.64
N THR B 8 18.68 -21.36 -12.09
CA THR B 8 19.67 -22.28 -11.57
C THR B 8 20.24 -21.79 -10.24
N LYS B 9 20.92 -22.70 -9.56
CA LYS B 9 21.57 -22.34 -8.30
C LYS B 9 22.58 -21.21 -8.46
N PRO B 10 23.45 -21.19 -9.47
CA PRO B 10 24.34 -20.02 -9.64
C PRO B 10 23.61 -18.69 -9.76
N ALA B 11 22.51 -18.64 -10.49
CA ALA B 11 21.75 -17.40 -10.61
C ALA B 11 21.13 -16.99 -9.28
N ILE B 12 20.62 -17.98 -8.53
CA ILE B 12 20.05 -17.69 -7.23
C ILE B 12 21.10 -17.11 -6.29
N ARG B 13 22.31 -17.67 -6.29
CA ARG B 13 23.33 -17.12 -5.40
C ARG B 13 23.90 -15.82 -5.94
N ARG B 14 23.80 -15.56 -7.25
CA ARG B 14 24.13 -14.23 -7.75
C ARG B 14 23.17 -13.18 -7.19
N LEU B 15 21.87 -13.48 -7.22
CA LEU B 15 20.90 -12.59 -6.60
C LEU B 15 21.15 -12.44 -5.11
N ALA B 16 21.51 -13.55 -4.43
CA ALA B 16 21.82 -13.48 -3.01
C ALA B 16 23.02 -12.59 -2.73
N ARG B 17 24.06 -12.68 -3.57
CA ARG B 17 25.23 -11.82 -3.41
C ARG B 17 24.89 -10.36 -3.63
N ARG B 18 24.03 -10.07 -4.62
CA ARG B 18 23.54 -8.70 -4.73
C ARG B 18 22.73 -8.29 -3.52
N GLY B 19 22.12 -9.25 -2.83
CA GLY B 19 21.40 -8.98 -1.60
C GLY B 19 22.30 -8.96 -0.38
N GLY B 20 23.61 -9.08 -0.58
CA GLY B 20 24.57 -8.98 0.50
C GLY B 20 24.78 -10.24 1.31
N VAL B 21 24.43 -11.40 0.77
CA VAL B 21 24.49 -12.66 1.51
C VAL B 21 25.86 -13.29 1.31
N LYS B 22 26.49 -13.75 2.39
CA LYS B 22 27.79 -14.40 2.32
C LYS B 22 27.68 -15.91 2.12
N ARG B 23 26.98 -16.61 3.01
CA ARG B 23 26.80 -18.05 2.90
C ARG B 23 25.33 -18.39 2.65
N ILE B 24 25.11 -19.47 1.90
CA ILE B 24 23.77 -19.88 1.50
C ILE B 24 23.61 -21.36 1.80
N SER B 25 22.53 -21.72 2.48
CA SER B 25 22.20 -23.11 2.73
C SER B 25 21.81 -23.79 1.41
N GLY B 26 22.00 -25.10 1.37
CA GLY B 26 21.65 -25.87 0.19
C GLY B 26 20.17 -26.03 -0.05
N LEU B 27 19.33 -25.75 0.94
CA LEU B 27 17.89 -25.78 0.79
C LEU B 27 17.32 -24.43 0.36
N ILE B 28 18.16 -23.41 0.24
CA ILE B 28 17.69 -22.07 -0.12
C ILE B 28 17.22 -22.04 -1.57
N TYR B 29 17.81 -22.87 -2.43
CA TYR B 29 17.53 -22.76 -3.86
C TYR B 29 16.09 -23.16 -4.18
N GLU B 30 15.62 -24.27 -3.60
CA GLU B 30 14.23 -24.67 -3.78
C GLU B 30 13.25 -23.68 -3.15
N GLU B 31 13.57 -23.15 -1.97
CA GLU B 31 12.73 -22.14 -1.34
C GLU B 31 12.62 -20.89 -2.20
N THR B 32 13.75 -20.44 -2.75
CA THR B 32 13.77 -19.28 -3.63
C THR B 32 12.98 -19.55 -4.90
N ARG B 33 13.08 -20.77 -5.44
CA ARG B 33 12.32 -21.12 -6.63
C ARG B 33 10.82 -21.06 -6.35
N GLY B 34 10.39 -21.58 -5.20
CA GLY B 34 8.98 -21.50 -4.85
C GLY B 34 8.51 -20.08 -4.64
N VAL B 35 9.33 -19.26 -3.99
CA VAL B 35 8.97 -17.85 -3.76
C VAL B 35 8.85 -17.10 -5.07
N LEU B 36 9.81 -17.31 -5.99
CA LEU B 36 9.74 -16.68 -7.30
C LEU B 36 8.52 -17.16 -8.08
N LYS B 37 8.18 -18.45 -7.97
CA LYS B 37 7.00 -18.95 -8.65
C LYS B 37 5.74 -18.27 -8.12
N VAL B 38 5.66 -18.10 -6.79
CA VAL B 38 4.50 -17.42 -6.21
C VAL B 38 4.41 -15.98 -6.72
N PHE B 39 5.52 -15.26 -6.68
CA PHE B 39 5.51 -13.86 -7.11
C PHE B 39 5.12 -13.73 -8.58
N LEU B 40 5.70 -14.57 -9.44
CA LEU B 40 5.40 -14.53 -10.86
C LEU B 40 3.96 -14.92 -11.13
N GLU B 41 3.44 -15.93 -10.43
CA GLU B 41 2.04 -16.30 -10.62
C GLU B 41 1.11 -15.16 -10.21
N ASN B 42 1.46 -14.44 -9.14
CA ASN B 42 0.67 -13.30 -8.71
C ASN B 42 0.72 -12.14 -9.70
N VAL B 43 1.86 -11.89 -10.32
CA VAL B 43 1.96 -10.75 -11.24
C VAL B 43 1.39 -11.08 -12.62
N ILE B 44 1.69 -12.25 -13.18
CA ILE B 44 1.27 -12.61 -14.53
C ILE B 44 -0.22 -12.96 -14.55
N ARG B 45 -0.85 -13.02 -13.38
CA ARG B 45 -2.29 -13.14 -13.34
C ARG B 45 -3.01 -11.81 -13.49
N ASP B 46 -2.58 -10.79 -12.75
CA ASP B 46 -3.10 -9.45 -12.97
C ASP B 46 -2.74 -8.94 -14.36
N ALA B 47 -1.54 -9.28 -14.86
CA ALA B 47 -1.15 -8.87 -16.21
C ALA B 47 -2.08 -9.47 -17.26
N VAL B 48 -2.40 -10.75 -17.14
CA VAL B 48 -3.31 -11.39 -18.09
C VAL B 48 -4.75 -10.90 -17.91
N THR B 49 -5.15 -10.55 -16.69
CA THR B 49 -6.44 -9.90 -16.51
C THR B 49 -6.51 -8.59 -17.27
N TYR B 50 -5.47 -7.76 -17.12
CA TYR B 50 -5.40 -6.50 -17.87
C TYR B 50 -5.38 -6.74 -19.37
N THR B 51 -4.71 -7.80 -19.81
CA THR B 51 -4.63 -8.12 -21.23
C THR B 51 -5.98 -8.54 -21.79
N GLU B 52 -6.69 -9.43 -21.08
CA GLU B 52 -7.99 -9.88 -21.54
C GLU B 52 -9.03 -8.78 -21.48
N HIS B 53 -8.91 -7.83 -20.54
CA HIS B 53 -9.84 -6.72 -20.53
C HIS B 53 -9.71 -5.86 -21.79
N ALA B 54 -8.48 -5.71 -22.31
CA ALA B 54 -8.24 -4.98 -23.53
C ALA B 54 -8.62 -5.77 -24.78
N LYS B 55 -9.09 -7.00 -24.61
CA LYS B 55 -9.42 -7.90 -25.72
C LYS B 55 -8.22 -8.06 -26.65
N ARG B 56 -7.06 -8.24 -26.04
CA ARG B 56 -5.80 -8.44 -26.74
C ARG B 56 -5.31 -9.86 -26.49
N LYS B 57 -4.26 -10.24 -27.23
CA LYS B 57 -3.63 -11.53 -27.03
C LYS B 57 -2.15 -11.45 -26.72
N THR B 58 -1.50 -10.30 -26.93
CA THR B 58 -0.13 -10.11 -26.49
C THR B 58 -0.15 -9.40 -25.14
N VAL B 59 0.72 -9.85 -24.24
CA VAL B 59 0.86 -9.17 -22.95
C VAL B 59 1.87 -8.04 -23.13
N THR B 60 1.42 -6.81 -22.90
CA THR B 60 2.22 -5.62 -23.11
C THR B 60 2.98 -5.28 -21.84
N ALA B 61 4.12 -4.60 -22.01
CA ALA B 61 4.86 -4.10 -20.87
C ALA B 61 4.02 -3.18 -20.00
N MET B 62 3.03 -2.50 -20.59
CA MET B 62 2.12 -1.69 -19.80
C MET B 62 1.22 -2.54 -18.91
N ASP B 63 0.78 -3.71 -19.39
CA ASP B 63 0.03 -4.61 -18.54
C ASP B 63 0.85 -5.07 -17.34
N VAL B 64 2.12 -5.40 -17.57
CA VAL B 64 2.99 -5.78 -16.46
C VAL B 64 3.21 -4.59 -15.52
N VAL B 65 3.41 -3.39 -16.06
CA VAL B 65 3.61 -2.22 -15.22
C VAL B 65 2.41 -1.97 -14.34
N TYR B 66 1.20 -2.10 -14.90
CA TYR B 66 -0.02 -1.90 -14.12
C TYR B 66 -0.22 -3.02 -13.10
N ALA B 67 0.02 -4.27 -13.51
CA ALA B 67 -0.09 -5.40 -12.59
C ALA B 67 0.88 -5.29 -11.44
N LEU B 68 2.02 -4.63 -11.64
CA LEU B 68 2.95 -4.36 -10.56
C LEU B 68 2.47 -3.21 -9.68
N LYS B 69 1.85 -2.20 -10.28
CA LYS B 69 1.26 -1.11 -9.50
C LYS B 69 0.17 -1.62 -8.58
N ARG B 70 -0.64 -2.56 -9.07
CA ARG B 70 -1.73 -3.12 -8.29
C ARG B 70 -1.23 -3.82 -7.03
N GLN B 71 -0.01 -4.34 -7.04
CA GLN B 71 0.58 -5.02 -5.89
C GLN B 71 1.52 -4.12 -5.09
N GLY B 72 1.48 -2.82 -5.38
CA GLY B 72 2.25 -1.85 -4.62
C GLY B 72 3.66 -1.63 -5.08
N ARG B 73 4.11 -2.32 -6.13
CA ARG B 73 5.47 -2.20 -6.63
C ARG B 73 5.45 -1.39 -7.93
N THR B 74 5.86 -0.13 -7.85
CA THR B 74 5.95 0.72 -9.03
C THR B 74 7.24 0.43 -9.77
N LEU B 75 7.14 0.36 -11.10
CA LEU B 75 8.27 0.10 -11.98
C LEU B 75 8.51 1.31 -12.87
N TYR B 76 9.74 1.80 -12.89
CA TYR B 76 10.12 2.94 -13.71
C TYR B 76 10.99 2.47 -14.86
N GLY B 77 10.77 3.04 -16.05
CA GLY B 77 11.63 2.82 -17.19
C GLY B 77 11.00 2.02 -18.32
N PHE B 78 9.75 1.57 -18.16
CA PHE B 78 9.13 0.78 -19.21
C PHE B 78 7.90 1.48 -19.76
N GLY B 79 7.96 2.80 -19.88
CA GLY B 79 6.88 3.57 -20.45
C GLY B 79 5.98 4.22 -19.42
N LYS C 1 -40.62 -3.78 -10.68
CA LYS C 1 -40.87 -2.92 -9.53
C LYS C 1 -39.69 -1.99 -9.29
N SER C 2 -39.06 -2.13 -8.13
CA SER C 2 -37.85 -1.37 -7.84
C SER C 2 -36.66 -1.96 -8.60
N ARG C 3 -35.61 -1.15 -8.73
CA ARG C 3 -34.45 -1.59 -9.50
C ARG C 3 -33.64 -2.64 -8.77
N SER C 4 -33.71 -2.70 -7.44
CA SER C 4 -33.09 -3.79 -6.71
C SER C 4 -33.91 -5.07 -6.80
N SER C 5 -35.23 -4.97 -6.76
CA SER C 5 -36.10 -6.13 -6.94
C SER C 5 -36.19 -6.56 -8.40
N ARG C 6 -35.83 -5.69 -9.34
CA ARG C 6 -35.67 -6.13 -10.72
C ARG C 6 -34.53 -7.13 -10.85
N ALA C 7 -33.40 -6.83 -10.18
CA ALA C 7 -32.24 -7.71 -10.27
C ALA C 7 -32.31 -8.87 -9.30
N GLY C 8 -33.28 -8.86 -8.40
CA GLY C 8 -33.36 -9.83 -7.34
C GLY C 8 -32.41 -9.59 -6.20
N LEU C 9 -32.03 -8.34 -5.94
CA LEU C 9 -31.05 -7.98 -4.93
C LEU C 9 -31.75 -7.40 -3.71
N GLN C 10 -30.93 -7.04 -2.71
CA GLN C 10 -31.38 -6.25 -1.58
C GLN C 10 -30.67 -4.91 -1.46
N PHE C 11 -29.48 -4.77 -2.02
CA PHE C 11 -28.77 -3.49 -2.03
C PHE C 11 -29.38 -2.56 -3.07
N PRO C 12 -29.32 -1.24 -2.84
CA PRO C 12 -30.02 -0.32 -3.74
C PRO C 12 -29.22 0.01 -5.00
N VAL C 13 -29.61 -0.55 -6.15
CA VAL C 13 -28.86 -0.25 -7.37
C VAL C 13 -29.02 1.18 -7.82
N GLY C 14 -30.11 1.85 -7.44
CA GLY C 14 -30.25 3.27 -7.72
C GLY C 14 -29.25 4.11 -6.94
N ARG C 15 -29.07 3.79 -5.66
CA ARG C 15 -28.08 4.48 -4.85
C ARG C 15 -26.65 4.25 -5.35
N VAL C 16 -26.32 3.01 -5.72
CA VAL C 16 -25.02 2.73 -6.32
C VAL C 16 -24.86 3.47 -7.65
N HIS C 17 -25.93 3.58 -8.44
CA HIS C 17 -25.87 4.35 -9.67
C HIS C 17 -25.54 5.81 -9.38
N ARG C 18 -26.23 6.40 -8.40
CA ARG C 18 -25.97 7.81 -8.06
C ARG C 18 -24.54 8.00 -7.56
N LEU C 19 -24.07 7.09 -6.70
CA LEU C 19 -22.70 7.18 -6.19
C LEU C 19 -21.66 6.98 -7.26
N LEU C 20 -21.92 6.12 -8.24
CA LEU C 20 -21.03 5.94 -9.38
C LEU C 20 -20.98 7.20 -10.23
N ARG C 21 -22.14 7.82 -10.46
CA ARG C 21 -22.18 8.99 -11.33
C ARG C 21 -21.71 10.26 -10.64
N LYS C 22 -21.64 10.29 -9.31
CA LYS C 22 -21.23 11.49 -8.60
C LYS C 22 -19.75 11.47 -8.21
N GLY C 23 -19.11 10.29 -8.21
CA GLY C 23 -17.76 10.15 -7.70
C GLY C 23 -16.63 10.49 -8.66
N ASN C 24 -16.93 10.97 -9.87
CA ASN C 24 -15.93 11.35 -10.85
C ASN C 24 -15.04 10.17 -11.23
N TYR C 25 -15.68 9.04 -11.50
CA TYR C 25 -14.96 7.86 -11.95
C TYR C 25 -14.81 7.83 -13.46
N ALA C 26 -15.81 8.33 -14.19
CA ALA C 26 -15.78 8.36 -15.64
C ALA C 26 -16.79 9.39 -16.10
N GLU C 27 -16.70 9.76 -17.37
CA GLU C 27 -17.67 10.69 -17.94
C GLU C 27 -19.06 10.05 -18.02
N ARG C 28 -19.11 8.74 -18.26
CA ARG C 28 -20.38 8.04 -18.42
C ARG C 28 -20.36 6.76 -17.57
N VAL C 29 -21.56 6.31 -17.21
CA VAL C 29 -21.74 5.08 -16.45
C VAL C 29 -22.80 4.23 -17.15
N GLY C 30 -22.45 2.97 -17.41
CA GLY C 30 -23.33 2.04 -18.07
C GLY C 30 -24.53 1.68 -17.20
N ALA C 31 -25.47 0.95 -17.81
CA ALA C 31 -26.68 0.53 -17.12
C ALA C 31 -26.46 -0.63 -16.16
N GLY C 32 -25.62 -1.61 -16.50
CA GLY C 32 -25.38 -2.74 -15.63
C GLY C 32 -24.31 -2.56 -14.59
N ALA C 33 -23.55 -1.46 -14.66
CA ALA C 33 -22.53 -1.22 -13.65
C ALA C 33 -23.10 -1.07 -12.24
N PRO C 34 -24.15 -0.26 -12.00
CA PRO C 34 -24.75 -0.26 -10.66
C PRO C 34 -25.30 -1.61 -10.24
N VAL C 35 -25.90 -2.38 -11.14
CA VAL C 35 -26.41 -3.70 -10.78
C VAL C 35 -25.28 -4.66 -10.42
N TYR C 36 -24.21 -4.70 -11.21
CA TYR C 36 -23.07 -5.54 -10.90
C TYR C 36 -22.43 -5.15 -9.57
N MET C 37 -22.25 -3.85 -9.35
CA MET C 37 -21.66 -3.39 -8.10
C MET C 37 -22.55 -3.75 -6.91
N ALA C 38 -23.87 -3.56 -7.04
CA ALA C 38 -24.78 -3.90 -5.96
C ALA C 38 -24.76 -5.39 -5.67
N ALA C 39 -24.74 -6.22 -6.71
CA ALA C 39 -24.66 -7.67 -6.52
C ALA C 39 -23.38 -8.11 -5.82
N VAL C 40 -22.22 -7.57 -6.24
CA VAL C 40 -20.97 -7.96 -5.60
C VAL C 40 -20.93 -7.48 -4.15
N LEU C 41 -21.36 -6.24 -3.90
CA LEU C 41 -21.41 -5.73 -2.53
C LEU C 41 -22.33 -6.56 -1.66
N GLU C 42 -23.51 -6.93 -2.18
CA GLU C 42 -24.41 -7.79 -1.44
C GLU C 42 -23.82 -9.16 -1.16
N TYR C 43 -23.11 -9.74 -2.13
CA TYR C 43 -22.51 -11.05 -1.91
C TYR C 43 -21.45 -10.99 -0.81
N LEU C 44 -20.58 -9.98 -0.84
CA LEU C 44 -19.57 -9.87 0.20
C LEU C 44 -20.19 -9.59 1.57
N THR C 45 -21.21 -8.74 1.61
CA THR C 45 -21.91 -8.48 2.87
C THR C 45 -22.54 -9.75 3.42
N ALA C 46 -23.18 -10.54 2.55
CA ALA C 46 -23.80 -11.79 2.99
C ALA C 46 -22.76 -12.78 3.49
N GLU C 47 -21.60 -12.87 2.81
CA GLU C 47 -20.54 -13.74 3.28
C GLU C 47 -20.07 -13.37 4.67
N ILE C 48 -19.75 -12.09 4.88
CA ILE C 48 -19.25 -11.66 6.18
C ILE C 48 -20.32 -11.85 7.25
N LEU C 49 -21.57 -11.51 6.95
CA LEU C 49 -22.65 -11.69 7.92
C LEU C 49 -22.89 -13.15 8.26
N GLU C 50 -22.87 -14.05 7.27
CA GLU C 50 -23.01 -15.47 7.56
C GLU C 50 -21.90 -15.97 8.48
N LEU C 51 -20.65 -15.68 8.16
CA LEU C 51 -19.58 -16.14 9.04
C LEU C 51 -19.60 -15.47 10.41
N ALA C 52 -20.01 -14.19 10.48
CA ALA C 52 -20.10 -13.50 11.77
C ALA C 52 -21.22 -14.08 12.62
N GLY C 53 -22.37 -14.39 12.03
CA GLY C 53 -23.44 -15.03 12.78
C GLY C 53 -23.14 -16.45 13.18
N ASN C 54 -22.33 -17.15 12.38
CA ASN C 54 -21.83 -18.46 12.83
C ASN C 54 -20.89 -18.32 14.01
N ALA C 55 -19.97 -17.34 13.97
CA ALA C 55 -19.04 -17.14 15.08
C ALA C 55 -19.78 -16.71 16.34
N ALA C 56 -20.79 -15.84 16.21
CA ALA C 56 -21.55 -15.39 17.37
C ALA C 56 -22.32 -16.53 18.01
N ARG C 57 -22.80 -17.48 17.20
CA ARG C 57 -23.49 -18.65 17.73
C ARG C 57 -22.53 -19.64 18.38
N ASP C 58 -21.26 -19.63 17.98
CA ASP C 58 -20.24 -20.41 18.69
C ASP C 58 -19.87 -19.80 20.04
N ASN C 59 -20.20 -18.54 20.28
CA ASN C 59 -20.01 -17.90 21.57
C ASN C 59 -21.30 -17.87 22.38
N LYS C 60 -22.33 -18.60 21.95
CA LYS C 60 -23.62 -18.66 22.63
C LYS C 60 -24.23 -17.27 22.78
N LYS C 61 -24.15 -16.50 21.70
CA LYS C 61 -24.73 -15.16 21.63
C LYS C 61 -25.75 -15.12 20.50
N THR C 62 -26.66 -14.15 20.59
CA THR C 62 -27.69 -13.94 19.57
C THR C 62 -27.55 -12.57 18.93
N ARG C 63 -26.39 -11.95 19.07
CA ARG C 63 -26.13 -10.63 18.52
C ARG C 63 -24.70 -10.56 18.01
N ILE C 64 -24.53 -10.07 16.79
CA ILE C 64 -23.21 -9.88 16.22
C ILE C 64 -22.61 -8.58 16.76
N ILE C 65 -21.41 -8.66 17.29
CA ILE C 65 -20.67 -7.49 17.76
C ILE C 65 -19.39 -7.41 16.94
N PRO C 66 -18.63 -6.31 16.99
CA PRO C 66 -17.41 -6.25 16.16
C PRO C 66 -16.42 -7.37 16.40
N ARG C 67 -16.41 -7.97 17.60
CA ARG C 67 -15.56 -9.12 17.85
C ARG C 67 -15.91 -10.28 16.94
N HIS C 68 -17.20 -10.53 16.73
CA HIS C 68 -17.63 -11.59 15.83
C HIS C 68 -17.25 -11.30 14.39
N LEU C 69 -17.36 -10.04 13.95
CA LEU C 69 -16.91 -9.67 12.61
C LEU C 69 -15.41 -9.92 12.45
N GLN C 70 -14.61 -9.55 13.45
CA GLN C 70 -13.17 -9.80 13.36
C GLN C 70 -12.88 -11.29 13.34
N LEU C 71 -13.57 -12.07 14.17
CA LEU C 71 -13.39 -13.52 14.16
C LEU C 71 -13.70 -14.10 12.79
N ALA C 72 -14.84 -13.72 12.22
CA ALA C 72 -15.26 -14.22 10.93
C ALA C 72 -14.27 -13.86 9.82
N ILE C 73 -13.77 -12.62 9.81
CA ILE C 73 -12.85 -12.21 8.77
C ILE C 73 -11.50 -12.90 8.93
N ARG C 74 -10.94 -12.86 10.14
CA ARG C 74 -9.60 -13.41 10.35
C ARG C 74 -9.57 -14.93 10.25
N ASN C 75 -10.71 -15.60 10.42
CA ASN C 75 -10.75 -17.05 10.29
C ASN C 75 -11.03 -17.53 8.88
N ASP C 76 -11.26 -16.62 7.93
CA ASP C 76 -11.46 -16.97 6.54
C ASP C 76 -10.29 -16.44 5.72
N GLU C 77 -9.62 -17.32 4.99
CA GLU C 77 -8.39 -16.94 4.28
C GLU C 77 -8.68 -15.93 3.18
N GLU C 78 -9.77 -16.12 2.44
CA GLU C 78 -10.09 -15.20 1.36
C GLU C 78 -10.49 -13.83 1.89
N LEU C 79 -11.34 -13.79 2.91
CA LEU C 79 -11.67 -12.52 3.55
C LEU C 79 -10.50 -11.91 4.29
N ASN C 80 -9.57 -12.72 4.79
CA ASN C 80 -8.36 -12.18 5.39
C ASN C 80 -7.45 -11.54 4.35
N LYS C 81 -7.35 -12.13 3.16
CA LYS C 81 -6.60 -11.50 2.08
C LYS C 81 -7.30 -10.22 1.62
N LEU C 82 -8.62 -10.23 1.56
CA LEU C 82 -9.37 -9.04 1.18
C LEU C 82 -9.15 -7.91 2.17
N LEU C 83 -9.45 -8.16 3.44
CA LEU C 83 -9.25 -7.18 4.51
C LEU C 83 -7.97 -7.50 5.27
N GLY C 84 -6.84 -7.23 4.63
CA GLY C 84 -5.55 -7.53 5.21
C GLY C 84 -4.83 -6.30 5.71
N LYS C 85 -5.30 -5.12 5.29
CA LYS C 85 -4.79 -3.86 5.81
C LYS C 85 -5.87 -3.09 6.55
N VAL C 86 -6.90 -3.79 7.03
CA VAL C 86 -8.06 -3.16 7.65
C VAL C 86 -8.00 -3.41 9.15
N THR C 87 -8.16 -2.34 9.93
CA THR C 87 -8.27 -2.43 11.38
C THR C 87 -9.74 -2.36 11.76
N ILE C 88 -10.23 -3.40 12.43
CA ILE C 88 -11.60 -3.43 12.91
C ILE C 88 -11.63 -2.90 14.33
N ALA C 89 -12.39 -1.82 14.54
CA ALA C 89 -12.49 -1.23 15.86
C ALA C 89 -13.21 -2.17 16.82
N GLN C 90 -12.67 -2.29 18.03
CA GLN C 90 -13.22 -3.16 19.07
C GLN C 90 -13.32 -4.62 18.61
N GLY C 91 -12.35 -5.06 17.81
CA GLY C 91 -12.37 -6.39 17.25
C GLY C 91 -11.46 -7.38 17.94
N GLY C 92 -10.39 -6.90 18.56
CA GLY C 92 -9.45 -7.78 19.22
C GLY C 92 -8.57 -8.52 18.22
N VAL C 93 -8.06 -9.68 18.65
CA VAL C 93 -7.17 -10.49 17.85
C VAL C 93 -7.65 -11.94 17.89
N LEU C 94 -7.14 -12.73 16.95
CA LEU C 94 -7.38 -14.17 16.96
C LEU C 94 -6.63 -14.82 18.11
N PRO C 95 -7.28 -15.70 18.87
CA PRO C 95 -6.57 -16.36 19.98
C PRO C 95 -5.52 -17.33 19.46
N ASN C 96 -4.25 -16.95 19.57
CA ASN C 96 -3.15 -17.75 19.02
C ASN C 96 -1.94 -17.58 19.92
N ILE C 97 -1.49 -18.68 20.52
CA ILE C 97 -0.26 -18.72 21.30
C ILE C 97 0.73 -19.62 20.59
N GLN C 98 1.97 -19.15 20.47
CA GLN C 98 3.01 -19.92 19.80
C GLN C 98 3.27 -21.22 20.54
N ALA C 99 3.52 -22.29 19.76
CA ALA C 99 3.74 -23.61 20.34
C ALA C 99 5.01 -23.67 21.19
N VAL C 100 5.98 -22.79 20.95
CA VAL C 100 7.20 -22.78 21.76
C VAL C 100 6.89 -22.32 23.18
N LEU C 101 6.07 -21.28 23.31
CA LEU C 101 5.80 -20.69 24.61
C LEU C 101 5.02 -21.65 25.52
N LEU C 102 4.16 -22.46 24.95
CA LEU C 102 3.39 -23.43 25.73
C LEU C 102 4.28 -24.59 26.16
N LYS D 1 -24.28 5.94 0.22
CA LYS D 1 -23.16 5.92 1.14
C LYS D 1 -23.56 6.50 2.49
N GLU D 2 -24.75 7.09 2.54
CA GLU D 2 -25.26 7.63 3.80
C GLU D 2 -25.38 6.53 4.85
N SER D 3 -25.85 5.36 4.43
CA SER D 3 -25.82 4.15 5.24
C SER D 3 -26.32 3.00 4.37
N TYR D 4 -25.84 1.80 4.69
CA TYR D 4 -26.41 0.58 4.15
C TYR D 4 -27.09 -0.22 5.25
N SER D 5 -27.41 0.45 6.37
CA SER D 5 -27.90 -0.24 7.55
C SER D 5 -29.18 -1.00 7.27
N VAL D 6 -30.11 -0.37 6.55
CA VAL D 6 -31.33 -1.06 6.14
C VAL D 6 -31.01 -2.32 5.36
N TYR D 7 -30.11 -2.20 4.39
CA TYR D 7 -29.79 -3.31 3.48
C TYR D 7 -28.94 -4.39 4.14
N VAL D 8 -27.98 -4.00 4.98
CA VAL D 8 -27.26 -5.00 5.76
C VAL D 8 -28.22 -5.72 6.70
N TYR D 9 -29.19 -5.01 7.26
CA TYR D 9 -30.22 -5.64 8.08
C TYR D 9 -31.04 -6.64 7.28
N LYS D 10 -31.45 -6.29 6.05
CA LYS D 10 -32.21 -7.24 5.23
C LYS D 10 -31.38 -8.47 4.91
N VAL D 11 -30.11 -8.28 4.57
CA VAL D 11 -29.25 -9.43 4.26
C VAL D 11 -29.08 -10.31 5.48
N LEU D 12 -28.87 -9.71 6.65
CA LEU D 12 -28.75 -10.51 7.88
C LEU D 12 -30.04 -11.24 8.20
N LYS D 13 -31.18 -10.57 7.99
CA LYS D 13 -32.49 -11.18 8.18
C LYS D 13 -32.64 -12.41 7.31
N GLN D 14 -32.17 -12.35 6.06
CA GLN D 14 -32.31 -13.47 5.15
C GLN D 14 -31.20 -14.51 5.28
N VAL D 15 -30.11 -14.18 5.96
CA VAL D 15 -29.01 -15.12 6.16
C VAL D 15 -29.09 -15.81 7.51
N HIS D 16 -29.24 -15.04 8.59
CA HIS D 16 -29.40 -15.60 9.93
C HIS D 16 -30.70 -15.04 10.50
N PRO D 17 -31.81 -15.77 10.36
CA PRO D 17 -33.12 -15.19 10.67
C PRO D 17 -33.28 -14.68 12.09
N ASP D 18 -32.66 -15.31 13.08
CA ASP D 18 -32.83 -14.91 14.47
C ASP D 18 -31.76 -13.94 14.93
N THR D 19 -30.53 -14.11 14.47
CA THR D 19 -29.42 -13.30 14.95
C THR D 19 -29.62 -11.82 14.61
N GLY D 20 -29.43 -10.97 15.61
CA GLY D 20 -29.45 -9.54 15.41
C GLY D 20 -28.04 -9.00 15.34
N ILE D 21 -27.89 -7.69 15.21
CA ILE D 21 -26.57 -7.09 15.06
C ILE D 21 -26.48 -5.86 15.94
N SER D 22 -25.28 -5.55 16.39
CA SER D 22 -25.06 -4.42 17.29
C SER D 22 -24.99 -3.12 16.51
N SER D 23 -25.11 -2.01 17.23
CA SER D 23 -24.99 -0.69 16.62
C SER D 23 -23.55 -0.37 16.23
N LYS D 24 -22.56 -0.96 16.89
CA LYS D 24 -21.16 -0.78 16.52
C LYS D 24 -20.75 -1.74 15.41
N ALA D 25 -21.36 -2.92 15.35
CA ALA D 25 -21.11 -3.83 14.24
C ALA D 25 -21.66 -3.27 12.93
N MET D 26 -22.82 -2.60 12.99
CA MET D 26 -23.37 -1.98 11.80
C MET D 26 -22.49 -0.86 11.25
N GLY D 27 -21.87 -0.07 12.12
CA GLY D 27 -20.92 0.92 11.63
C GLY D 27 -19.77 0.30 10.88
N ILE D 28 -19.28 -0.85 11.38
CA ILE D 28 -18.20 -1.56 10.70
C ILE D 28 -18.67 -2.15 9.38
N MET D 29 -19.90 -2.66 9.31
CA MET D 29 -20.42 -3.15 8.03
C MET D 29 -20.61 -2.03 7.02
N ASN D 30 -21.07 -0.86 7.46
CA ASN D 30 -21.16 0.29 6.57
C ASN D 30 -19.79 0.74 6.09
N SER D 31 -18.80 0.76 6.97
CA SER D 31 -17.43 1.05 6.56
C SER D 31 -16.94 0.02 5.55
N PHE D 32 -17.27 -1.25 5.76
CA PHE D 32 -16.87 -2.31 4.84
C PHE D 32 -17.45 -2.08 3.46
N VAL D 33 -18.76 -1.83 3.38
CA VAL D 33 -19.38 -1.61 2.08
C VAL D 33 -18.85 -0.36 1.40
N ASN D 34 -18.66 0.74 2.15
CA ASN D 34 -18.08 1.95 1.58
C ASN D 34 -16.65 1.76 1.10
N ASP D 35 -15.87 0.93 1.79
CA ASP D 35 -14.49 0.67 1.38
C ASP D 35 -14.44 -0.19 0.12
N ILE D 36 -15.26 -1.25 0.08
CA ILE D 36 -15.26 -2.13 -1.08
C ILE D 36 -15.81 -1.41 -2.30
N PHE D 37 -16.82 -0.55 -2.11
CA PHE D 37 -17.32 0.27 -3.20
C PHE D 37 -16.21 1.11 -3.80
N GLU D 38 -15.47 1.82 -2.95
CA GLU D 38 -14.38 2.66 -3.44
C GLU D 38 -13.33 1.83 -4.16
N ARG D 39 -12.97 0.68 -3.60
CA ARG D 39 -11.95 -0.16 -4.22
C ARG D 39 -12.36 -0.64 -5.60
N ILE D 40 -13.60 -1.11 -5.75
CA ILE D 40 -14.04 -1.57 -7.07
C ILE D 40 -14.21 -0.42 -8.05
N ALA D 41 -14.81 0.70 -7.62
CA ALA D 41 -15.05 1.82 -8.52
C ALA D 41 -13.76 2.49 -8.97
N GLY D 42 -12.77 2.66 -8.09
CA GLY D 42 -11.50 3.23 -8.51
C GLY D 42 -10.76 2.37 -9.50
N GLU D 43 -10.76 1.05 -9.29
CA GLU D 43 -10.15 0.16 -10.27
C GLU D 43 -10.90 0.16 -11.58
N ALA D 44 -12.24 0.26 -11.54
CA ALA D 44 -13.00 0.38 -12.78
C ALA D 44 -12.67 1.67 -13.51
N SER D 45 -12.48 2.78 -12.77
CA SER D 45 -12.08 4.03 -13.39
C SER D 45 -10.71 3.90 -14.05
N ARG D 46 -9.75 3.28 -13.35
CA ARG D 46 -8.43 3.05 -13.93
C ARG D 46 -8.52 2.16 -15.18
N LEU D 47 -9.35 1.13 -15.13
CA LEU D 47 -9.57 0.24 -16.25
C LEU D 47 -10.11 0.97 -17.46
N ALA D 48 -11.11 1.83 -17.26
CA ALA D 48 -11.63 2.64 -18.36
C ALA D 48 -10.57 3.59 -18.89
N HIS D 49 -9.77 4.17 -18.01
CA HIS D 49 -8.74 5.11 -18.44
C HIS D 49 -7.68 4.43 -19.30
N TYR D 50 -7.25 3.24 -18.91
CA TYR D 50 -6.21 2.55 -19.68
C TYR D 50 -6.67 2.25 -21.11
N ASN D 51 -7.95 1.94 -21.29
CA ASN D 51 -8.50 1.59 -22.58
C ASN D 51 -9.00 2.81 -23.36
N LYS D 52 -8.78 4.01 -22.82
CA LYS D 52 -9.26 5.25 -23.44
C LYS D 52 -10.77 5.19 -23.65
N ARG D 53 -11.48 4.78 -22.60
CA ARG D 53 -12.94 4.68 -22.62
C ARG D 53 -13.54 5.64 -21.59
N SER D 54 -14.66 6.24 -21.97
CA SER D 54 -15.31 7.25 -21.14
C SER D 54 -16.50 6.71 -20.36
N THR D 55 -16.76 5.41 -20.41
CA THR D 55 -17.88 4.82 -19.69
C THR D 55 -17.41 3.65 -18.84
N ILE D 56 -18.03 3.49 -17.68
CA ILE D 56 -17.79 2.35 -16.81
C ILE D 56 -19.02 1.45 -16.90
N THR D 57 -18.81 0.21 -17.34
CA THR D 57 -19.92 -0.71 -17.56
C THR D 57 -19.64 -2.02 -16.82
N SER D 58 -20.48 -3.01 -17.09
CA SER D 58 -20.42 -4.27 -16.36
C SER D 58 -19.08 -4.97 -16.54
N ARG D 59 -18.47 -4.87 -17.72
CA ARG D 59 -17.18 -5.50 -17.94
C ARG D 59 -16.09 -4.88 -17.08
N GLU D 60 -16.06 -3.54 -16.98
CA GLU D 60 -15.09 -2.89 -16.12
C GLU D 60 -15.27 -3.28 -14.66
N ILE D 61 -16.51 -3.33 -14.18
CA ILE D 61 -16.77 -3.71 -12.80
C ILE D 61 -16.34 -5.15 -12.56
N GLN D 62 -16.64 -6.05 -13.49
CA GLN D 62 -16.27 -7.46 -13.31
C GLN D 62 -14.77 -7.67 -13.32
N THR D 63 -14.07 -6.99 -14.23
CA THR D 63 -12.61 -7.12 -14.26
C THR D 63 -11.97 -6.50 -13.02
N ALA D 64 -12.53 -5.40 -12.53
CA ALA D 64 -12.06 -4.84 -11.26
C ALA D 64 -12.29 -5.81 -10.11
N VAL D 65 -13.43 -6.51 -10.12
CA VAL D 65 -13.71 -7.51 -9.09
C VAL D 65 -12.67 -8.62 -9.15
N ARG D 66 -12.39 -9.12 -10.36
CA ARG D 66 -11.40 -10.20 -10.50
C ARG D 66 -10.02 -9.75 -10.06
N LEU D 67 -9.65 -8.51 -10.38
CA LEU D 67 -8.37 -7.99 -9.93
C LEU D 67 -8.31 -7.86 -8.41
N LEU D 68 -9.41 -7.43 -7.79
CA LEU D 68 -9.39 -7.12 -6.36
C LEU D 68 -9.67 -8.34 -5.50
N LEU D 69 -10.77 -9.05 -5.78
CA LEU D 69 -11.15 -10.12 -4.87
C LEU D 69 -10.22 -11.32 -5.03
N PRO D 70 -9.80 -11.94 -3.91
CA PRO D 70 -8.85 -13.05 -3.98
C PRO D 70 -9.54 -14.39 -4.14
N GLY D 71 -8.99 -15.25 -4.99
CA GLY D 71 -9.37 -16.64 -5.10
C GLY D 71 -10.81 -16.94 -5.45
N GLU D 72 -11.40 -17.90 -4.74
CA GLU D 72 -12.77 -18.34 -5.00
C GLU D 72 -13.80 -17.29 -4.65
N LEU D 73 -13.45 -16.36 -3.75
CA LEU D 73 -14.30 -15.20 -3.50
C LEU D 73 -14.60 -14.45 -4.78
N ALA D 74 -13.57 -14.22 -5.61
CA ALA D 74 -13.76 -13.58 -6.90
C ALA D 74 -14.65 -14.40 -7.83
N LYS D 75 -14.47 -15.72 -7.87
CA LYS D 75 -15.30 -16.56 -8.73
C LYS D 75 -16.78 -16.46 -8.35
N HIS D 76 -17.11 -16.61 -7.07
CA HIS D 76 -18.50 -16.51 -6.65
C HIS D 76 -19.07 -15.11 -6.78
N ALA D 77 -18.29 -14.06 -6.49
CA ALA D 77 -18.77 -12.70 -6.69
C ALA D 77 -19.04 -12.43 -8.15
N VAL D 78 -18.18 -12.92 -9.04
CA VAL D 78 -18.41 -12.78 -10.47
C VAL D 78 -19.69 -13.50 -10.88
N SER D 79 -19.92 -14.71 -10.34
CA SER D 79 -21.15 -15.41 -10.65
C SER D 79 -22.40 -14.66 -10.18
N GLU D 80 -22.39 -14.11 -8.97
CA GLU D 80 -23.55 -13.34 -8.50
C GLU D 80 -23.76 -12.07 -9.31
N GLY D 81 -22.70 -11.35 -9.63
CA GLY D 81 -22.85 -10.18 -10.48
C GLY D 81 -23.42 -10.52 -11.84
N THR D 82 -22.90 -11.57 -12.45
CA THR D 82 -23.40 -12.02 -13.74
C THR D 82 -24.87 -12.40 -13.68
N LYS D 83 -25.27 -13.14 -12.64
CA LYS D 83 -26.67 -13.51 -12.50
C LYS D 83 -27.56 -12.29 -12.30
N ALA D 84 -27.10 -11.31 -11.50
CA ALA D 84 -27.89 -10.10 -11.31
C ALA D 84 -28.08 -9.32 -12.60
N VAL D 85 -27.01 -9.13 -13.38
CA VAL D 85 -27.19 -8.43 -14.66
C VAL D 85 -28.05 -9.22 -15.62
N THR D 86 -27.91 -10.55 -15.65
CA THR D 86 -28.73 -11.39 -16.51
C THR D 86 -30.21 -11.29 -16.18
N LYS D 87 -30.57 -11.32 -14.89
CA LYS D 87 -31.96 -11.17 -14.47
C LYS D 87 -32.48 -9.76 -14.64
N TYR D 88 -31.66 -8.73 -14.42
CA TYR D 88 -32.09 -7.35 -14.61
C TYR D 88 -32.35 -7.05 -16.08
N THR D 89 -31.49 -7.55 -16.97
CA THR D 89 -31.67 -7.30 -18.40
C THR D 89 -32.94 -7.97 -18.91
N SER D 90 -33.25 -9.16 -18.42
CA SER D 90 -34.45 -9.88 -18.81
C SER D 90 -35.71 -9.08 -18.47
N TYR E 1 2.78 -20.61 41.70
CA TYR E 1 2.52 -20.50 40.27
C TYR E 1 3.77 -20.57 39.40
N ARG E 2 4.97 -20.41 39.96
CA ARG E 2 6.22 -20.44 39.22
C ARG E 2 6.35 -19.23 38.31
N PRO E 3 7.52 -18.97 37.71
CA PRO E 3 7.64 -17.82 36.81
C PRO E 3 7.15 -18.08 35.39
N GLY E 4 5.87 -17.86 35.12
CA GLY E 4 5.42 -17.86 33.73
C GLY E 4 4.14 -18.57 33.36
N THR E 5 3.34 -19.02 34.32
CA THR E 5 2.00 -19.46 33.95
C THR E 5 0.99 -18.33 34.08
N VAL E 6 1.27 -17.37 34.96
CA VAL E 6 0.45 -16.16 35.01
C VAL E 6 0.59 -15.38 33.71
N ALA E 7 1.77 -15.41 33.10
CA ALA E 7 1.94 -14.80 31.78
C ALA E 7 1.07 -15.47 30.73
N LEU E 8 0.99 -16.80 30.75
CA LEU E 8 0.12 -17.51 29.82
C LEU E 8 -1.35 -17.23 30.08
N ARG E 9 -1.74 -17.17 31.36
CA ARG E 9 -3.11 -16.79 31.71
C ARG E 9 -3.44 -15.40 31.20
N GLU E 10 -2.50 -14.46 31.35
CA GLU E 10 -2.69 -13.11 30.85
C GLU E 10 -2.78 -13.08 29.33
N ILE E 11 -1.97 -13.89 28.64
CA ILE E 11 -2.06 -13.97 27.18
C ILE E 11 -3.45 -14.45 26.78
N ARG E 12 -3.95 -15.49 27.45
CA ARG E 12 -5.28 -15.99 27.15
C ARG E 12 -6.36 -14.97 27.46
N ARG E 13 -6.22 -14.23 28.56
CA ARG E 13 -7.22 -13.24 28.94
C ARG E 13 -7.27 -12.09 27.95
N TYR E 14 -6.12 -11.52 27.61
CA TYR E 14 -6.10 -10.33 26.75
C TYR E 14 -6.23 -10.66 25.27
N GLN E 15 -6.03 -11.92 24.88
CA GLN E 15 -6.32 -12.35 23.52
C GLN E 15 -7.78 -12.71 23.32
N LYS E 16 -8.54 -12.81 24.41
CA LYS E 16 -9.97 -13.11 24.36
C LYS E 16 -10.83 -11.88 24.45
N SER E 17 -10.38 -10.83 25.14
CA SER E 17 -11.11 -9.59 25.26
C SER E 17 -10.81 -8.67 24.08
N THR E 18 -11.63 -7.62 23.94
CA THR E 18 -11.46 -6.64 22.87
C THR E 18 -11.38 -5.22 23.40
N GLU E 19 -11.22 -5.03 24.70
CA GLU E 19 -11.17 -3.70 25.30
C GLU E 19 -9.96 -2.92 24.82
N LEU E 20 -9.87 -1.66 25.23
CA LEU E 20 -8.68 -0.86 24.99
C LEU E 20 -7.74 -1.01 26.18
N LEU E 21 -6.49 -1.38 25.89
CA LEU E 21 -5.54 -1.74 26.93
C LEU E 21 -4.76 -0.54 27.46
N ILE E 22 -4.96 0.64 26.92
CA ILE E 22 -4.31 1.86 27.40
C ILE E 22 -5.39 2.75 28.01
N ARG E 23 -5.08 3.36 29.15
CA ARG E 23 -6.01 4.26 29.80
C ARG E 23 -6.31 5.46 28.90
N LYS E 24 -7.55 5.90 28.91
CA LYS E 24 -8.00 6.90 27.95
C LYS E 24 -7.42 8.28 28.24
N LEU E 25 -7.40 8.69 29.51
CA LEU E 25 -6.97 10.05 29.82
C LEU E 25 -5.50 10.31 29.49
N PRO E 26 -4.54 9.48 29.91
CA PRO E 26 -3.15 9.74 29.50
C PRO E 26 -2.92 9.67 28.01
N PHE E 27 -3.59 8.76 27.31
CA PHE E 27 -3.45 8.70 25.85
C PHE E 27 -4.01 9.96 25.20
N GLN E 28 -5.15 10.44 25.68
CA GLN E 28 -5.70 11.69 25.18
C GLN E 28 -4.74 12.84 25.41
N ARG E 29 -4.13 12.90 26.59
CA ARG E 29 -3.16 13.95 26.88
C ARG E 29 -1.96 13.86 25.95
N LEU E 30 -1.48 12.65 25.66
CA LEU E 30 -0.38 12.49 24.69
C LEU E 30 -0.78 12.97 23.30
N VAL E 31 -2.00 12.63 22.88
CA VAL E 31 -2.48 13.06 21.56
C VAL E 31 -2.51 14.58 21.48
N ARG E 32 -2.97 15.24 22.55
CA ARG E 32 -3.00 16.69 22.56
C ARG E 32 -1.60 17.29 22.59
N GLU E 33 -0.68 16.67 23.33
CA GLU E 33 0.70 17.16 23.34
C GLU E 33 1.33 17.09 21.96
N ILE E 34 1.16 15.97 21.26
CA ILE E 34 1.77 15.83 19.93
C ILE E 34 1.14 16.80 18.95
N ALA E 35 -0.18 16.96 18.99
CA ALA E 35 -0.85 17.82 18.02
C ALA E 35 -0.46 19.29 18.18
N GLN E 36 -0.11 19.71 19.40
CA GLN E 36 0.21 21.11 19.64
C GLN E 36 1.49 21.53 18.92
N ASP E 37 2.32 20.55 18.51
CA ASP E 37 3.53 20.86 17.76
C ASP E 37 3.22 21.28 16.33
N PHE E 38 2.04 20.96 15.82
CA PHE E 38 1.63 21.29 14.47
C PHE E 38 0.71 22.51 14.41
N LYS E 39 -0.35 22.50 15.21
CA LYS E 39 -1.26 23.63 15.29
C LYS E 39 -1.53 23.96 16.75
N THR E 40 -1.77 25.24 17.02
CA THR E 40 -2.03 25.73 18.36
C THR E 40 -3.53 25.94 18.55
N ASP E 41 -3.99 25.68 19.78
CA ASP E 41 -5.42 25.75 20.12
C ASP E 41 -6.23 24.77 19.27
N LEU E 42 -5.70 23.58 19.09
CA LEU E 42 -6.37 22.53 18.34
C LEU E 42 -7.40 21.84 19.23
N ARG E 43 -8.58 21.60 18.67
CA ARG E 43 -9.64 20.89 19.36
C ARG E 43 -9.78 19.50 18.76
N PHE E 44 -10.37 18.60 19.54
CA PHE E 44 -10.50 17.21 19.14
C PHE E 44 -11.90 16.72 19.46
N GLN E 45 -12.45 15.93 18.56
CA GLN E 45 -13.66 15.17 18.84
C GLN E 45 -13.30 13.98 19.73
N SER E 46 -14.28 13.54 20.52
CA SER E 46 -14.08 12.32 21.28
C SER E 46 -13.87 11.12 20.36
N SER E 47 -14.61 11.04 19.27
CA SER E 47 -14.42 10.00 18.28
C SER E 47 -13.06 10.08 17.60
N ALA E 48 -12.48 11.28 17.45
CA ALA E 48 -11.14 11.39 16.88
C ALA E 48 -10.08 10.78 17.79
N VAL E 49 -10.10 11.11 19.08
CA VAL E 49 -9.16 10.50 20.01
C VAL E 49 -9.41 9.00 20.12
N MET E 50 -10.68 8.58 20.12
CA MET E 50 -10.96 7.15 20.16
C MET E 50 -10.46 6.42 18.92
N ALA E 51 -10.59 7.02 17.74
CA ALA E 51 -10.03 6.43 16.53
C ALA E 51 -8.52 6.34 16.59
N LEU E 52 -7.87 7.40 17.09
CA LEU E 52 -6.42 7.37 17.24
C LEU E 52 -5.99 6.25 18.18
N GLN E 53 -6.69 6.08 19.30
CA GLN E 53 -6.35 5.00 20.23
C GLN E 53 -6.61 3.63 19.62
N GLU E 54 -7.74 3.46 18.94
CA GLU E 54 -8.08 2.20 18.32
C GLU E 54 -7.05 1.80 17.27
N ALA E 55 -6.56 2.77 16.49
CA ALA E 55 -5.51 2.50 15.51
C ALA E 55 -4.17 2.24 16.16
N SER E 56 -3.78 3.05 17.15
CA SER E 56 -2.48 2.90 17.80
C SER E 56 -2.35 1.55 18.50
N GLU E 57 -3.37 1.13 19.23
CA GLU E 57 -3.31 -0.14 19.92
C GLU E 57 -3.26 -1.33 18.97
N ALA E 58 -4.03 -1.31 17.89
CA ALA E 58 -3.93 -2.36 16.90
C ALA E 58 -2.56 -2.39 16.24
N TYR E 59 -2.00 -1.22 15.93
CA TYR E 59 -0.65 -1.17 15.37
C TYR E 59 0.38 -1.75 16.31
N LEU E 60 0.30 -1.40 17.60
CA LEU E 60 1.25 -1.92 18.57
C LEU E 60 1.09 -3.41 18.81
N VAL E 61 -0.15 -3.91 18.85
CA VAL E 61 -0.35 -5.34 19.03
C VAL E 61 0.18 -6.12 17.83
N GLY E 62 -0.09 -5.63 16.62
CA GLY E 62 0.44 -6.27 15.44
C GLY E 62 1.96 -6.24 15.38
N LEU E 63 2.57 -5.14 15.81
CA LEU E 63 4.02 -5.06 15.88
C LEU E 63 4.59 -6.02 16.92
N PHE E 64 3.91 -6.18 18.05
CA PHE E 64 4.36 -7.14 19.06
C PHE E 64 4.24 -8.57 18.53
N GLU E 65 3.24 -8.84 17.70
CA GLU E 65 3.14 -10.15 17.07
C GLU E 65 4.36 -10.48 16.20
N ASP E 66 4.93 -9.49 15.51
CA ASP E 66 6.13 -9.70 14.72
C ASP E 66 7.40 -9.69 15.57
N THR E 67 7.42 -8.87 16.62
CA THR E 67 8.53 -8.89 17.57
C THR E 67 8.66 -10.26 18.21
N ASN E 68 7.54 -10.89 18.56
CA ASN E 68 7.56 -12.24 19.11
C ASN E 68 8.14 -13.24 18.12
N LEU E 69 7.78 -13.11 16.84
CA LEU E 69 8.34 -14.00 15.83
C LEU E 69 9.84 -13.82 15.69
N CYS E 70 10.31 -12.57 15.71
CA CYS E 70 11.75 -12.31 15.71
C CYS E 70 12.44 -12.87 16.94
N ALA E 71 11.76 -12.89 18.08
CA ALA E 71 12.35 -13.48 19.29
C ALA E 71 12.42 -14.99 19.21
N ILE E 72 11.37 -15.64 18.69
CA ILE E 72 11.41 -17.09 18.51
C ILE E 72 12.46 -17.48 17.50
N HIS E 73 12.66 -16.66 16.47
CA HIS E 73 13.68 -16.96 15.46
C HIS E 73 15.07 -17.05 16.06
N ALA E 74 15.34 -16.26 17.11
CA ALA E 74 16.64 -16.24 17.75
C ALA E 74 16.73 -17.17 18.95
N LYS E 75 15.85 -18.17 19.04
CA LYS E 75 15.83 -19.13 20.14
C LYS E 75 15.70 -18.44 21.49
N ARG E 76 14.69 -17.58 21.58
CA ARG E 76 14.45 -16.81 22.78
C ARG E 76 12.95 -16.73 23.03
N VAL E 77 12.59 -16.52 24.29
CA VAL E 77 11.20 -16.23 24.64
C VAL E 77 11.03 -14.80 25.15
N THR E 78 12.11 -14.11 25.49
CA THR E 78 12.05 -12.71 25.88
C THR E 78 12.17 -11.83 24.64
N ILE E 79 11.22 -10.93 24.46
CA ILE E 79 11.32 -9.94 23.39
C ILE E 79 12.23 -8.81 23.84
N MET E 80 13.08 -8.36 22.94
CA MET E 80 14.08 -7.33 23.20
C MET E 80 13.94 -6.23 22.16
N PRO E 81 14.48 -5.04 22.44
CA PRO E 81 14.38 -3.94 21.46
C PRO E 81 14.98 -4.27 20.11
N LYS E 82 15.97 -5.16 20.04
CA LYS E 82 16.51 -5.56 18.74
C LYS E 82 15.47 -6.32 17.92
N ASP E 83 14.58 -7.08 18.58
CA ASP E 83 13.48 -7.72 17.87
C ASP E 83 12.51 -6.70 17.30
N ILE E 84 12.20 -5.65 18.07
CA ILE E 84 11.36 -4.57 17.55
C ILE E 84 12.03 -3.92 16.36
N GLN E 85 13.33 -3.66 16.45
CA GLN E 85 14.05 -3.04 15.36
C GLN E 85 14.06 -3.92 14.11
N LEU E 86 14.27 -5.22 14.26
CA LEU E 86 14.23 -6.11 13.11
C LEU E 86 12.86 -6.14 12.47
N ALA E 87 11.80 -6.27 13.28
CA ALA E 87 10.46 -6.32 12.74
C ALA E 87 10.13 -5.03 11.98
N ARG E 88 10.44 -3.89 12.58
CA ARG E 88 10.17 -2.61 11.95
C ARG E 88 10.98 -2.42 10.67
N ARG E 89 12.24 -2.84 10.67
CA ARG E 89 13.05 -2.74 9.47
C ARG E 89 12.51 -3.61 8.36
N ILE E 90 12.04 -4.82 8.68
CA ILE E 90 11.53 -5.69 7.64
C ILE E 90 10.21 -5.18 7.08
N ARG E 91 9.31 -4.70 7.93
CA ARG E 91 8.08 -4.14 7.37
C ARG E 91 8.25 -2.72 6.88
N GLY E 92 9.48 -2.25 6.71
CA GLY E 92 9.76 -1.00 6.03
C GLY E 92 9.43 0.27 6.78
N GLU E 93 9.11 0.18 8.07
CA GLU E 93 8.70 1.37 8.81
C GLU E 93 9.87 2.34 8.98
N ARG E 94 11.04 1.83 9.37
CA ARG E 94 12.21 2.69 9.54
C ARG E 94 13.46 1.82 9.46
N ALA E 95 14.21 1.94 8.37
CA ALA E 95 15.45 1.21 8.20
C ALA E 95 16.54 1.79 9.10
N ASP F 2 6.06 14.70 27.52
CA ASP F 2 5.79 14.67 28.95
C ASP F 2 4.74 13.63 29.32
N ASN F 3 3.76 13.44 28.43
CA ASN F 3 2.69 12.49 28.64
C ASN F 3 2.94 11.17 27.92
N ILE F 4 4.18 10.95 27.47
CA ILE F 4 4.54 9.64 26.94
C ILE F 4 4.72 8.61 28.04
N GLN F 5 4.98 9.05 29.27
CA GLN F 5 5.06 8.15 30.42
C GLN F 5 3.70 7.78 30.98
N GLY F 6 2.63 8.40 30.46
CA GLY F 6 1.28 7.96 30.74
C GLY F 6 0.89 6.69 30.03
N ILE F 7 1.67 6.26 29.05
CA ILE F 7 1.55 4.91 28.48
C ILE F 7 2.45 4.05 29.35
N THR F 8 1.85 3.50 30.40
CA THR F 8 2.61 2.90 31.48
C THR F 8 3.15 1.52 31.09
N LYS F 9 4.10 1.04 31.88
CA LYS F 9 4.62 -0.32 31.66
C LYS F 9 3.55 -1.38 31.75
N PRO F 10 2.59 -1.35 32.71
CA PRO F 10 1.48 -2.32 32.66
C PRO F 10 0.71 -2.28 31.35
N ALA F 11 0.49 -1.08 30.79
CA ALA F 11 -0.26 -0.98 29.54
C ALA F 11 0.50 -1.60 28.38
N ILE F 12 1.80 -1.30 28.27
CA ILE F 12 2.61 -1.89 27.21
C ILE F 12 2.67 -3.41 27.37
N ARG F 13 2.76 -3.88 28.62
CA ARG F 13 2.80 -5.32 28.85
C ARG F 13 1.48 -5.97 28.49
N ARG F 14 0.34 -5.30 28.74
CA ARG F 14 -0.95 -5.79 28.29
C ARG F 14 -1.01 -5.87 26.77
N LEU F 15 -0.51 -4.84 26.09
CA LEU F 15 -0.47 -4.85 24.63
C LEU F 15 0.39 -6.00 24.12
N ALA F 16 1.49 -6.31 24.80
CA ALA F 16 2.35 -7.42 24.40
C ALA F 16 1.68 -8.76 24.65
N ARG F 17 1.01 -8.92 25.78
CA ARG F 17 0.29 -10.17 26.06
C ARG F 17 -0.82 -10.40 25.06
N ARG F 18 -1.49 -9.34 24.60
CA ARG F 18 -2.42 -9.50 23.49
C ARG F 18 -1.72 -9.93 22.21
N GLY F 19 -0.46 -9.54 22.03
CA GLY F 19 0.34 -9.98 20.91
C GLY F 19 0.94 -11.36 21.07
N GLY F 20 0.76 -11.99 22.22
CA GLY F 20 1.26 -13.32 22.48
C GLY F 20 2.64 -13.39 23.11
N VAL F 21 3.14 -12.29 23.66
CA VAL F 21 4.50 -12.24 24.20
C VAL F 21 4.51 -12.83 25.60
N LYS F 22 5.45 -13.74 25.86
CA LYS F 22 5.59 -14.39 27.16
C LYS F 22 6.46 -13.59 28.13
N ARG F 23 7.72 -13.36 27.78
CA ARG F 23 8.63 -12.57 28.60
C ARG F 23 8.95 -11.27 27.88
N ILE F 24 9.10 -10.21 28.68
CA ILE F 24 9.38 -8.88 28.16
C ILE F 24 10.62 -8.35 28.85
N SER F 25 11.62 -7.96 28.06
CA SER F 25 12.81 -7.36 28.64
C SER F 25 12.50 -5.94 29.09
N GLY F 26 13.32 -5.44 30.02
CA GLY F 26 13.11 -4.14 30.61
C GLY F 26 13.31 -2.97 29.69
N LEU F 27 14.09 -3.12 28.64
CA LEU F 27 14.33 -2.05 27.67
C LEU F 27 13.25 -1.95 26.62
N ILE F 28 12.25 -2.84 26.66
CA ILE F 28 11.18 -2.84 25.68
C ILE F 28 10.25 -1.64 25.84
N TYR F 29 10.05 -1.16 27.06
CA TYR F 29 9.02 -0.14 27.31
C TYR F 29 9.39 1.19 26.68
N GLU F 30 10.64 1.64 26.85
CA GLU F 30 11.08 2.87 26.19
C GLU F 30 11.06 2.77 24.68
N GLU F 31 11.47 1.64 24.12
CA GLU F 31 11.40 1.39 22.69
C GLU F 31 9.96 1.47 22.18
N THR F 32 9.02 0.85 22.90
CA THR F 32 7.61 0.91 22.54
C THR F 32 7.09 2.34 22.60
N ARG F 33 7.50 3.09 23.62
CA ARG F 33 7.07 4.47 23.73
C ARG F 33 7.57 5.30 22.55
N GLY F 34 8.83 5.10 22.15
CA GLY F 34 9.34 5.80 20.98
C GLY F 34 8.62 5.42 19.70
N VAL F 35 8.34 4.13 19.52
CA VAL F 35 7.64 3.67 18.33
C VAL F 35 6.23 4.23 18.26
N LEU F 36 5.51 4.19 19.39
CA LEU F 36 4.17 4.78 19.44
C LEU F 36 4.21 6.28 19.18
N LYS F 37 5.23 6.96 19.71
CA LYS F 37 5.38 8.39 19.49
C LYS F 37 5.54 8.70 18.01
N VAL F 38 6.39 7.94 17.32
CA VAL F 38 6.58 8.13 15.88
C VAL F 38 5.29 7.86 15.11
N PHE F 39 4.60 6.76 15.44
CA PHE F 39 3.35 6.44 14.75
C PHE F 39 2.31 7.54 14.94
N LEU F 40 2.14 7.99 16.19
CA LEU F 40 1.15 9.02 16.48
C LEU F 40 1.51 10.34 15.80
N GLU F 41 2.80 10.69 15.77
CA GLU F 41 3.21 11.89 15.06
C GLU F 41 2.87 11.81 13.58
N ASN F 42 3.17 10.67 12.94
CA ASN F 42 2.87 10.52 11.53
C ASN F 42 1.38 10.63 11.25
N VAL F 43 0.53 9.99 12.06
CA VAL F 43 -0.91 10.07 11.81
C VAL F 43 -1.44 11.46 12.10
N ILE F 44 -1.01 12.07 13.20
CA ILE F 44 -1.58 13.34 13.63
C ILE F 44 -1.17 14.46 12.67
N ARG F 45 0.05 14.41 12.13
CA ARG F 45 0.45 15.42 11.16
C ARG F 45 -0.49 15.44 9.96
N ASP F 46 -0.80 14.26 9.42
CA ASP F 46 -1.72 14.18 8.29
C ASP F 46 -3.14 14.59 8.69
N ALA F 47 -3.60 14.18 9.87
CA ALA F 47 -4.94 14.54 10.32
C ALA F 47 -5.07 16.05 10.46
N VAL F 48 -4.06 16.70 11.05
CA VAL F 48 -4.07 18.16 11.17
C VAL F 48 -3.97 18.82 9.80
N THR F 49 -3.22 18.23 8.86
CA THR F 49 -3.22 18.78 7.51
C THR F 49 -4.63 18.78 6.92
N TYR F 50 -5.33 17.66 7.04
CA TYR F 50 -6.72 17.57 6.61
C TYR F 50 -7.63 18.53 7.38
N THR F 51 -7.32 18.82 8.63
CA THR F 51 -8.10 19.77 9.44
C THR F 51 -7.89 21.22 8.98
N GLU F 52 -6.64 21.64 8.81
CA GLU F 52 -6.39 23.01 8.34
C GLU F 52 -6.87 23.21 6.92
N HIS F 53 -6.87 22.16 6.10
CA HIS F 53 -7.35 22.33 4.73
C HIS F 53 -8.82 22.71 4.72
N ALA F 54 -9.64 22.05 5.53
CA ALA F 54 -11.05 22.36 5.61
C ALA F 54 -11.33 23.63 6.41
N LYS F 55 -10.29 24.36 6.80
CA LYS F 55 -10.42 25.60 7.57
C LYS F 55 -11.16 25.37 8.88
N ARG F 56 -11.06 24.16 9.41
CA ARG F 56 -11.64 23.81 10.69
C ARG F 56 -10.61 24.01 11.80
N LYS F 57 -11.11 24.03 13.03
CA LYS F 57 -10.24 24.13 14.20
C LYS F 57 -10.27 22.89 15.07
N THR F 58 -11.22 21.98 14.85
CA THR F 58 -11.29 20.72 15.57
C THR F 58 -10.92 19.58 14.64
N VAL F 59 -10.18 18.60 15.16
CA VAL F 59 -9.83 17.42 14.41
C VAL F 59 -10.98 16.43 14.49
N THR F 60 -11.51 16.05 13.33
CA THR F 60 -12.68 15.19 13.21
C THR F 60 -12.23 13.73 13.13
N ALA F 61 -13.12 12.82 13.54
CA ALA F 61 -12.84 11.39 13.42
C ALA F 61 -12.53 11.02 11.97
N MET F 62 -13.22 11.65 11.02
CA MET F 62 -12.91 11.43 9.61
C MET F 62 -11.51 11.91 9.27
N ASP F 63 -11.04 12.98 9.91
CA ASP F 63 -9.69 13.46 9.67
C ASP F 63 -8.65 12.42 10.08
N VAL F 64 -8.88 11.71 11.19
CA VAL F 64 -8.00 10.63 11.59
C VAL F 64 -8.14 9.43 10.66
N VAL F 65 -9.38 9.07 10.31
CA VAL F 65 -9.61 7.92 9.45
C VAL F 65 -8.96 8.09 8.09
N TYR F 66 -8.99 9.31 7.55
CA TYR F 66 -8.34 9.60 6.28
C TYR F 66 -6.83 9.65 6.39
N ALA F 67 -6.30 10.21 7.47
CA ALA F 67 -4.88 10.17 7.74
C ALA F 67 -4.36 8.76 7.95
N LEU F 68 -5.23 7.82 8.32
CA LEU F 68 -4.86 6.42 8.42
C LEU F 68 -5.01 5.68 7.10
N LYS F 69 -6.03 6.03 6.32
CA LYS F 69 -6.22 5.42 5.01
C LYS F 69 -5.02 5.67 4.11
N ARG F 70 -4.38 6.82 4.27
CA ARG F 70 -3.25 7.19 3.43
C ARG F 70 -1.93 6.64 3.92
N GLN F 71 -1.91 5.96 5.07
CA GLN F 71 -0.76 5.17 5.50
C GLN F 71 -1.02 3.68 5.37
N GLY F 72 -2.07 3.30 4.64
CA GLY F 72 -2.43 1.91 4.47
C GLY F 72 -2.90 1.22 5.73
N ARG F 73 -3.67 1.91 6.57
CA ARG F 73 -4.16 1.36 7.83
C ARG F 73 -5.64 1.71 8.00
N THR F 74 -6.43 1.39 6.96
CA THR F 74 -7.85 1.72 6.97
C THR F 74 -8.53 1.13 8.21
N LEU F 75 -9.36 1.94 8.86
CA LEU F 75 -9.98 1.60 10.13
C LEU F 75 -11.50 1.66 9.98
N TYR F 76 -12.16 0.55 10.32
CA TYR F 76 -13.61 0.43 10.22
C TYR F 76 -14.25 0.81 11.55
N GLY F 77 -15.35 1.56 11.48
CA GLY F 77 -16.14 1.79 12.67
C GLY F 77 -16.36 3.25 13.04
N PHE F 78 -15.61 4.16 12.44
CA PHE F 78 -15.67 5.58 12.78
C PHE F 78 -16.16 6.40 11.60
N GLY F 79 -16.97 5.78 10.75
CA GLY F 79 -17.49 6.45 9.57
C GLY F 79 -16.47 6.55 8.45
N ARG G 3 2.26 30.66 -20.92
CA ARG G 3 1.87 30.48 -19.53
C ARG G 3 3.03 29.96 -18.71
N SER G 4 3.84 29.09 -19.30
CA SER G 4 5.05 28.61 -18.64
C SER G 4 6.07 29.72 -18.48
N SER G 5 6.15 30.65 -19.44
CA SER G 5 7.12 31.73 -19.36
C SER G 5 6.76 32.74 -18.27
N ARG G 6 5.46 33.01 -18.07
CA ARG G 6 5.06 33.96 -17.05
C ARG G 6 5.46 33.48 -15.66
N ALA G 7 5.23 32.20 -15.37
CA ALA G 7 5.59 31.66 -14.07
C ALA G 7 7.10 31.55 -13.90
N GLY G 8 7.86 31.65 -14.99
CA GLY G 8 9.28 31.44 -14.94
C GLY G 8 9.61 29.97 -14.83
N LEU G 9 8.75 29.13 -15.40
CA LEU G 9 8.93 27.69 -15.37
C LEU G 9 9.51 27.20 -16.69
N GLN G 10 9.94 25.94 -16.67
CA GLN G 10 10.25 25.22 -17.89
C GLN G 10 9.25 24.12 -18.21
N PHE G 11 8.53 23.61 -17.23
CA PHE G 11 7.55 22.56 -17.48
C PHE G 11 6.29 23.15 -18.11
N PRO G 12 5.58 22.37 -18.93
CA PRO G 12 4.44 22.94 -19.67
C PRO G 12 3.19 23.13 -18.82
N VAL G 13 2.86 24.38 -18.50
CA VAL G 13 1.66 24.65 -17.72
C VAL G 13 0.41 24.27 -18.50
N GLY G 14 0.39 24.51 -19.80
CA GLY G 14 -0.75 24.15 -20.64
C GLY G 14 -1.00 22.66 -20.71
N ARG G 15 0.07 21.87 -20.86
CA ARG G 15 -0.08 20.42 -20.87
C ARG G 15 -0.54 19.88 -19.52
N VAL G 16 -0.03 20.45 -18.42
CA VAL G 16 -0.53 20.06 -17.10
C VAL G 16 -2.00 20.41 -16.96
N HIS G 17 -2.40 21.57 -17.49
CA HIS G 17 -3.81 21.95 -17.49
C HIS G 17 -4.67 20.93 -18.22
N ARG G 18 -4.28 20.58 -19.44
CA ARG G 18 -5.05 19.61 -20.21
C ARG G 18 -5.06 18.25 -19.53
N LEU G 19 -3.94 17.83 -18.94
CA LEU G 19 -3.91 16.57 -18.21
C LEU G 19 -4.85 16.57 -17.02
N LEU G 20 -4.87 17.66 -16.25
CA LEU G 20 -5.78 17.78 -15.12
C LEU G 20 -7.23 17.76 -15.56
N ARG G 21 -7.57 18.45 -16.66
CA ARG G 21 -8.95 18.45 -17.12
C ARG G 21 -9.36 17.09 -17.69
N LYS G 22 -8.47 16.41 -18.41
CA LYS G 22 -8.81 15.13 -19.00
C LYS G 22 -8.83 14.01 -17.97
N GLY G 23 -8.08 14.16 -16.88
CA GLY G 23 -7.98 13.08 -15.92
C GLY G 23 -9.15 12.96 -14.96
N ASN G 24 -10.22 13.73 -15.18
CA ASN G 24 -11.41 13.78 -14.33
C ASN G 24 -11.06 13.67 -12.85
N TYR G 25 -10.21 14.59 -12.41
CA TYR G 25 -9.87 14.76 -11.00
C TYR G 25 -10.90 15.62 -10.28
N ALA G 26 -11.52 16.55 -11.00
CA ALA G 26 -12.63 17.34 -10.49
C ALA G 26 -13.43 17.84 -11.67
N GLU G 27 -14.68 18.24 -11.39
CA GLU G 27 -15.51 18.85 -12.43
C GLU G 27 -14.86 20.09 -13.02
N ARG G 28 -14.13 20.84 -12.19
CA ARG G 28 -13.49 22.07 -12.62
C ARG G 28 -12.04 22.08 -12.16
N VAL G 29 -11.17 22.69 -12.95
CA VAL G 29 -9.77 22.90 -12.60
C VAL G 29 -9.51 24.40 -12.57
N GLY G 30 -8.83 24.86 -11.54
CA GLY G 30 -8.61 26.28 -11.37
C GLY G 30 -7.69 26.91 -12.38
N ALA G 31 -7.08 28.05 -12.02
CA ALA G 31 -6.13 28.72 -12.89
C ALA G 31 -4.69 28.67 -12.37
N GLY G 32 -4.46 28.75 -11.07
CA GLY G 32 -3.15 28.52 -10.52
C GLY G 32 -2.83 27.09 -10.20
N ALA G 33 -3.78 26.17 -10.41
CA ALA G 33 -3.50 24.76 -10.17
C ALA G 33 -2.45 24.21 -11.12
N PRO G 34 -2.55 24.38 -12.44
CA PRO G 34 -1.48 23.87 -13.31
C PRO G 34 -0.14 24.54 -13.06
N VAL G 35 -0.14 25.84 -12.73
CA VAL G 35 1.10 26.52 -12.42
C VAL G 35 1.77 25.94 -11.18
N TYR G 36 1.00 25.74 -10.12
CA TYR G 36 1.53 25.14 -8.90
C TYR G 36 2.04 23.74 -9.16
N MET G 37 1.24 22.93 -9.86
CA MET G 37 1.65 21.55 -10.14
C MET G 37 2.91 21.47 -10.99
N ALA G 38 3.02 22.31 -12.03
CA ALA G 38 4.22 22.33 -12.85
C ALA G 38 5.42 22.81 -12.06
N ALA G 39 5.24 23.81 -11.19
CA ALA G 39 6.34 24.27 -10.34
C ALA G 39 6.78 23.17 -9.38
N VAL G 40 5.86 22.29 -8.98
CA VAL G 40 6.22 21.20 -8.08
C VAL G 40 6.95 20.09 -8.84
N LEU G 41 6.43 19.70 -10.01
CA LEU G 41 7.08 18.65 -10.78
C LEU G 41 8.46 19.09 -11.27
N GLU G 42 8.59 20.34 -11.72
CA GLU G 42 9.88 20.82 -12.19
C GLU G 42 10.91 20.90 -11.07
N TYR G 43 10.50 21.34 -9.88
CA TYR G 43 11.44 21.38 -8.75
C TYR G 43 11.92 19.98 -8.38
N LEU G 44 11.01 19.00 -8.33
CA LEU G 44 11.40 17.63 -8.02
C LEU G 44 12.30 17.06 -9.11
N THR G 45 11.99 17.37 -10.37
CA THR G 45 12.82 16.91 -11.47
C THR G 45 14.23 17.49 -11.37
N ALA G 46 14.33 18.79 -11.09
CA ALA G 46 15.64 19.41 -10.91
C ALA G 46 16.37 18.90 -9.68
N GLU G 47 15.65 18.49 -8.65
CA GLU G 47 16.30 17.92 -7.47
C GLU G 47 16.85 16.52 -7.72
N ILE G 48 16.12 15.69 -8.48
CA ILE G 48 16.68 14.40 -8.85
C ILE G 48 17.83 14.57 -9.84
N LEU G 49 17.67 15.46 -10.82
CA LEU G 49 18.65 15.60 -11.89
C LEU G 49 19.93 16.26 -11.44
N GLU G 50 19.96 16.86 -10.25
CA GLU G 50 21.19 17.38 -9.66
C GLU G 50 21.97 16.32 -8.92
N LEU G 51 21.32 15.57 -8.05
CA LEU G 51 21.98 14.46 -7.37
C LEU G 51 22.42 13.38 -8.36
N ALA G 52 21.59 13.06 -9.35
CA ALA G 52 22.01 12.20 -10.46
C ALA G 52 22.60 13.12 -11.53
N GLY G 53 23.93 13.20 -11.53
CA GLY G 53 24.65 14.19 -12.29
C GLY G 53 25.79 14.69 -11.44
N ASN G 54 25.55 14.77 -10.14
CA ASN G 54 26.63 14.69 -9.16
C ASN G 54 27.16 13.29 -9.02
N ALA G 55 26.27 12.29 -9.03
CA ALA G 55 26.68 10.89 -9.08
C ALA G 55 27.39 10.54 -10.38
N ALA G 56 27.09 11.24 -11.46
CA ALA G 56 27.77 11.02 -12.73
C ALA G 56 29.19 11.57 -12.72
N ARG G 57 29.44 12.68 -12.04
CA ARG G 57 30.81 13.15 -11.86
C ARG G 57 31.55 12.32 -10.82
N ASP G 58 30.85 11.83 -9.79
CA ASP G 58 31.48 10.94 -8.82
C ASP G 58 31.89 9.61 -9.42
N ASN G 59 31.32 9.23 -10.56
CA ASN G 59 31.69 8.01 -11.27
C ASN G 59 32.56 8.31 -12.48
N LYS G 60 32.93 9.57 -12.69
CA LYS G 60 33.67 10.03 -13.86
C LYS G 60 32.94 9.66 -15.15
N LYS G 61 31.66 10.06 -15.19
CA LYS G 61 30.83 9.93 -16.38
C LYS G 61 30.34 11.31 -16.80
N THR G 62 30.06 11.44 -18.09
CA THR G 62 29.49 12.67 -18.63
C THR G 62 28.03 12.51 -19.01
N ARG G 63 27.46 11.32 -18.82
CA ARG G 63 26.05 11.07 -19.06
C ARG G 63 25.42 10.46 -17.80
N ILE G 64 24.10 10.53 -17.75
CA ILE G 64 23.33 10.00 -16.63
C ILE G 64 22.66 8.71 -17.08
N ILE G 65 22.82 7.66 -16.28
CA ILE G 65 22.25 6.35 -16.57
C ILE G 65 21.35 5.97 -15.42
N PRO G 66 20.45 4.97 -15.61
CA PRO G 66 19.57 4.55 -14.51
C PRO G 66 20.31 4.25 -13.22
N ARG G 67 21.56 3.80 -13.35
CA ARG G 67 22.39 3.56 -12.17
C ARG G 67 22.59 4.84 -11.37
N HIS G 68 22.85 5.96 -12.05
CA HIS G 68 23.05 7.23 -11.35
C HIS G 68 21.76 7.72 -10.72
N LEU G 69 20.62 7.55 -11.40
CA LEU G 69 19.34 7.94 -10.81
C LEU G 69 19.05 7.14 -9.54
N GLN G 70 19.27 5.83 -9.57
CA GLN G 70 19.06 5.00 -8.38
C GLN G 70 20.04 5.39 -7.28
N LEU G 71 21.29 5.64 -7.64
CA LEU G 71 22.30 6.01 -6.65
C LEU G 71 21.96 7.33 -5.99
N ALA G 72 21.39 8.27 -6.73
CA ALA G 72 20.94 9.55 -6.18
C ALA G 72 19.68 9.42 -5.34
N ILE G 73 18.72 8.59 -5.76
CA ILE G 73 17.47 8.47 -5.02
C ILE G 73 17.70 7.76 -3.69
N ARG G 74 18.43 6.65 -3.70
CA ARG G 74 18.58 5.87 -2.48
C ARG G 74 19.53 6.51 -1.48
N ASN G 75 20.40 7.41 -1.91
CA ASN G 75 21.33 8.10 -1.03
C ASN G 75 20.74 9.38 -0.46
N ASP G 76 19.48 9.70 -0.79
CA ASP G 76 18.79 10.86 -0.27
C ASP G 76 17.60 10.38 0.54
N GLU G 77 17.55 10.73 1.82
CA GLU G 77 16.52 10.20 2.70
C GLU G 77 15.13 10.62 2.26
N GLU G 78 14.96 11.88 1.86
CA GLU G 78 13.66 12.37 1.45
C GLU G 78 13.21 11.72 0.15
N LEU G 79 14.08 11.69 -0.86
CA LEU G 79 13.72 11.05 -2.11
C LEU G 79 13.57 9.54 -1.96
N ASN G 80 14.34 8.93 -1.05
CA ASN G 80 14.17 7.50 -0.77
C ASN G 80 12.82 7.22 -0.13
N LYS G 81 12.40 8.05 0.82
CA LYS G 81 11.08 7.86 1.42
C LYS G 81 9.98 8.11 0.40
N LEU G 82 10.15 9.13 -0.45
CA LEU G 82 9.17 9.41 -1.49
C LEU G 82 9.08 8.26 -2.49
N LEU G 83 10.21 7.84 -3.04
CA LEU G 83 10.29 6.71 -3.95
C LEU G 83 10.78 5.48 -3.19
N GLY G 84 9.95 5.02 -2.26
CA GLY G 84 10.30 3.88 -1.44
C GLY G 84 9.80 2.55 -1.98
N LYS G 85 8.66 2.58 -2.67
CA LYS G 85 8.07 1.40 -3.27
C LYS G 85 8.20 1.46 -4.79
N VAL G 86 9.29 2.05 -5.26
CA VAL G 86 9.53 2.27 -6.67
C VAL G 86 10.72 1.42 -7.10
N THR G 87 10.54 0.64 -8.16
CA THR G 87 11.62 -0.09 -8.80
C THR G 87 12.14 0.72 -9.98
N ILE G 88 13.45 0.92 -10.03
CA ILE G 88 14.11 1.63 -11.11
C ILE G 88 14.85 0.60 -11.95
N ALA G 89 14.46 0.48 -13.22
CA ALA G 89 15.01 -0.55 -14.08
C ALA G 89 16.49 -0.30 -14.35
N GLN G 90 17.28 -1.37 -14.28
CA GLN G 90 18.73 -1.31 -14.50
C GLN G 90 19.38 -0.31 -13.54
N GLY G 91 18.90 -0.27 -12.30
CA GLY G 91 19.40 0.69 -11.34
C GLY G 91 20.34 0.08 -10.31
N GLY G 92 20.30 -1.24 -10.16
CA GLY G 92 21.12 -1.91 -9.17
C GLY G 92 20.63 -1.64 -7.76
N VAL G 93 21.55 -1.79 -6.80
CA VAL G 93 21.29 -1.54 -5.39
C VAL G 93 22.42 -0.68 -4.85
N LEU G 94 22.19 -0.12 -3.66
CA LEU G 94 23.24 0.61 -2.98
C LEU G 94 24.29 -0.35 -2.44
N PRO G 95 25.57 -0.13 -2.76
CA PRO G 95 26.62 -0.99 -2.21
C PRO G 95 26.61 -0.97 -0.69
N ASN G 96 26.39 -2.15 -0.11
CA ASN G 96 26.24 -2.27 1.34
C ASN G 96 26.46 -3.71 1.80
N ILE G 97 27.48 -3.93 2.63
CA ILE G 97 27.76 -5.24 3.20
C ILE G 97 27.66 -5.12 4.72
N GLN G 98 26.87 -6.00 5.33
CA GLN G 98 26.75 -6.04 6.77
C GLN G 98 28.06 -6.49 7.41
N ALA G 99 28.30 -6.03 8.63
CA ALA G 99 29.48 -6.41 9.40
C ALA G 99 29.21 -7.65 10.26
N VAL G 100 28.22 -8.45 9.87
CA VAL G 100 27.84 -9.67 10.59
C VAL G 100 27.47 -9.36 12.03
N GLU H 1 2.45 11.96 -21.70
CA GLU H 1 3.30 10.91 -21.15
C GLU H 1 4.79 11.25 -21.28
N SER H 2 5.14 12.02 -22.30
CA SER H 2 6.54 12.29 -22.63
C SER H 2 6.90 13.71 -22.20
N TYR H 3 7.75 13.81 -21.18
CA TYR H 3 8.29 15.08 -20.71
C TYR H 3 9.76 15.25 -21.08
N SER H 4 10.21 14.61 -22.16
CA SER H 4 11.64 14.52 -22.44
C SER H 4 12.26 15.88 -22.69
N VAL H 5 11.56 16.76 -23.40
CA VAL H 5 12.10 18.08 -23.72
C VAL H 5 12.37 18.87 -22.44
N TYR H 6 11.43 18.83 -21.49
CA TYR H 6 11.55 19.68 -20.32
C TYR H 6 12.52 19.09 -19.31
N VAL H 7 12.60 17.76 -19.23
CA VAL H 7 13.65 17.13 -18.43
C VAL H 7 15.02 17.44 -19.02
N TYR H 8 15.13 17.49 -20.36
CA TYR H 8 16.39 17.93 -20.96
C TYR H 8 16.72 19.36 -20.58
N LYS H 9 15.73 20.25 -20.69
CA LYS H 9 15.95 21.68 -20.48
C LYS H 9 16.26 22.03 -19.04
N VAL H 10 15.60 21.39 -18.07
CA VAL H 10 15.97 21.57 -16.68
C VAL H 10 17.37 21.03 -16.42
N LEU H 11 17.75 19.94 -17.08
CA LEU H 11 19.09 19.39 -16.94
C LEU H 11 20.15 20.40 -17.36
N LYS H 12 19.91 21.11 -18.46
CA LYS H 12 20.89 22.07 -18.96
C LYS H 12 21.12 23.24 -18.01
N GLN H 13 20.16 23.56 -17.15
CA GLN H 13 20.37 24.67 -16.22
C GLN H 13 20.86 24.22 -14.85
N VAL H 14 21.01 22.93 -14.61
CA VAL H 14 21.56 22.44 -13.36
C VAL H 14 22.90 21.78 -13.64
N HIS H 15 23.01 21.10 -14.77
CA HIS H 15 24.24 20.46 -15.23
C HIS H 15 24.35 20.69 -16.72
N PRO H 16 24.89 21.84 -17.15
CA PRO H 16 24.89 22.17 -18.58
C PRO H 16 25.60 21.16 -19.47
N ASP H 17 26.71 20.59 -19.00
CA ASP H 17 27.56 19.73 -19.82
C ASP H 17 27.24 18.25 -19.68
N THR H 18 26.29 17.88 -18.83
CA THR H 18 25.96 16.49 -18.59
C THR H 18 24.79 16.06 -19.45
N GLY H 19 24.84 14.82 -19.94
CA GLY H 19 23.79 14.26 -20.76
C GLY H 19 22.92 13.26 -20.01
N ILE H 20 21.93 12.74 -20.73
CA ILE H 20 21.00 11.74 -20.23
C ILE H 20 20.89 10.61 -21.23
N SER H 21 20.97 9.38 -20.76
CA SER H 21 20.75 8.22 -21.61
C SER H 21 19.28 8.09 -21.98
N SER H 22 19.01 7.33 -23.04
CA SER H 22 17.62 7.09 -23.43
C SER H 22 16.86 6.38 -22.30
N LYS H 23 17.51 5.41 -21.66
CA LYS H 23 16.87 4.69 -20.56
C LYS H 23 16.72 5.57 -19.32
N ALA H 24 17.68 6.48 -19.08
CA ALA H 24 17.58 7.38 -17.95
C ALA H 24 16.44 8.39 -18.08
N MET H 25 16.14 8.87 -19.28
CA MET H 25 14.97 9.72 -19.47
C MET H 25 13.67 8.92 -19.61
N GLY H 26 13.72 7.69 -20.14
CA GLY H 26 12.55 6.84 -20.00
C GLY H 26 12.20 6.55 -18.56
N ILE H 27 13.11 6.82 -17.63
CA ILE H 27 12.86 6.67 -16.20
C ILE H 27 12.32 7.96 -15.59
N MET H 28 12.90 9.11 -15.90
CA MET H 28 12.36 10.38 -15.42
C MET H 28 10.98 10.69 -15.98
N ASN H 29 10.66 10.22 -17.19
CA ASN H 29 9.27 10.33 -17.65
C ASN H 29 8.33 9.57 -16.72
N SER H 30 8.73 8.36 -16.32
CA SER H 30 7.94 7.59 -15.36
C SER H 30 7.84 8.30 -14.03
N PHE H 31 8.94 8.89 -13.55
CA PHE H 31 8.90 9.63 -12.30
C PHE H 31 7.93 10.81 -12.35
N VAL H 32 8.00 11.60 -13.43
CA VAL H 32 7.11 12.75 -13.55
C VAL H 32 5.65 12.31 -13.65
N ASN H 33 5.38 11.31 -14.51
CA ASN H 33 4.02 10.82 -14.66
C ASN H 33 3.50 10.11 -13.42
N ASP H 34 4.40 9.67 -12.52
CA ASP H 34 3.99 9.06 -11.27
C ASP H 34 3.65 10.11 -10.22
N ILE H 35 4.55 11.08 -10.04
CA ILE H 35 4.32 12.10 -9.02
C ILE H 35 3.18 13.04 -9.42
N PHE H 36 2.96 13.25 -10.72
CA PHE H 36 1.81 14.02 -11.15
C PHE H 36 0.51 13.32 -10.75
N GLU H 37 0.42 12.02 -11.01
CA GLU H 37 -0.76 11.25 -10.65
C GLU H 37 -0.91 11.05 -9.14
N ARG H 38 0.19 11.15 -8.39
CA ARG H 38 0.09 11.14 -6.94
C ARG H 38 -0.54 12.42 -6.43
N ILE H 39 -0.06 13.58 -6.90
CA ILE H 39 -0.56 14.85 -6.41
C ILE H 39 -1.98 15.09 -6.88
N ALA H 40 -2.30 14.70 -8.11
CA ALA H 40 -3.62 14.92 -8.68
C ALA H 40 -4.66 13.93 -8.17
N GLY H 41 -4.23 12.90 -7.44
CA GLY H 41 -5.16 11.97 -6.83
C GLY H 41 -5.44 12.35 -5.39
N GLU H 42 -4.42 12.87 -4.71
CA GLU H 42 -4.62 13.42 -3.36
C GLU H 42 -5.41 14.72 -3.40
N ALA H 43 -5.10 15.59 -4.37
CA ALA H 43 -5.86 16.82 -4.51
C ALA H 43 -7.28 16.57 -4.97
N SER H 44 -7.48 15.52 -5.80
CA SER H 44 -8.84 15.12 -6.15
C SER H 44 -9.61 14.67 -4.93
N ARG H 45 -8.95 13.92 -4.04
CA ARG H 45 -9.60 13.49 -2.80
C ARG H 45 -9.91 14.67 -1.90
N LEU H 46 -8.97 15.61 -1.78
CA LEU H 46 -9.11 16.75 -0.88
C LEU H 46 -10.25 17.69 -1.28
N ALA H 47 -10.58 17.75 -2.57
CA ALA H 47 -11.74 18.47 -3.09
C ALA H 47 -13.05 17.74 -2.74
N HIS H 48 -13.07 16.42 -2.92
N HIS H 48 -13.08 16.43 -2.95
N HIS H 48 -13.10 16.43 -2.91
CA HIS H 48 -14.28 15.66 -2.63
CA HIS H 48 -14.30 15.67 -2.68
CA HIS H 48 -14.28 15.66 -2.53
C HIS H 48 -14.54 15.58 -1.13
C HIS H 48 -14.58 15.59 -1.19
C HIS H 48 -14.44 15.70 -1.01
N TYR H 49 -13.49 15.66 -0.32
N TYR H 49 -13.54 15.64 -0.36
CA TYR H 49 -13.67 15.62 1.13
CA TYR H 49 -13.73 15.60 1.09
C TYR H 49 -14.33 16.89 1.64
C TYR H 49 -14.40 16.88 1.58
N ASN H 50 -14.10 18.03 0.98
CA ASN H 50 -14.71 19.30 1.36
C ASN H 50 -15.96 19.59 0.54
N LYS H 51 -16.47 18.58 -0.16
CA LYS H 51 -17.62 18.73 -1.06
C LYS H 51 -17.38 19.86 -2.06
N ARG H 52 -16.16 19.95 -2.54
CA ARG H 52 -15.73 20.98 -3.47
C ARG H 52 -15.56 20.39 -4.85
N SER H 53 -15.87 21.19 -5.87
CA SER H 53 -15.89 20.71 -7.24
C SER H 53 -14.74 21.22 -8.10
N THR H 54 -13.92 22.13 -7.60
CA THR H 54 -12.77 22.63 -8.34
C THR H 54 -11.49 22.33 -7.56
N ILE H 55 -10.44 21.96 -8.28
CA ILE H 55 -9.11 21.79 -7.71
C ILE H 55 -8.34 23.07 -7.91
N THR H 56 -7.80 23.62 -6.83
CA THR H 56 -7.14 24.91 -6.83
C THR H 56 -5.69 24.72 -6.40
N SER H 57 -4.93 25.82 -6.41
CA SER H 57 -3.58 25.79 -5.86
C SER H 57 -3.57 25.49 -4.37
N ARG H 58 -4.66 25.75 -3.65
CA ARG H 58 -4.76 25.35 -2.25
C ARG H 58 -4.75 23.83 -2.10
N GLU H 59 -5.50 23.14 -2.95
CA GLU H 59 -5.52 21.68 -2.91
C GLU H 59 -4.21 21.09 -3.40
N ILE H 60 -3.58 21.68 -4.40
CA ILE H 60 -2.25 21.22 -4.80
C ILE H 60 -1.27 21.40 -3.64
N GLN H 61 -1.35 22.54 -2.95
CA GLN H 61 -0.52 22.78 -1.78
C GLN H 61 -0.73 21.69 -0.73
N THR H 62 -1.98 21.38 -0.42
CA THR H 62 -2.27 20.40 0.62
C THR H 62 -1.85 19.00 0.20
N ALA H 63 -2.07 18.64 -1.06
CA ALA H 63 -1.64 17.32 -1.54
C ALA H 63 -0.12 17.20 -1.52
N VAL H 64 0.60 18.27 -1.89
CA VAL H 64 2.05 18.25 -1.82
C VAL H 64 2.52 18.12 -0.37
N ARG H 65 1.85 18.81 0.55
CA ARG H 65 2.19 18.69 1.96
C ARG H 65 1.87 17.32 2.55
N LEU H 66 0.86 16.63 2.02
CA LEU H 66 0.55 15.28 2.47
C LEU H 66 1.46 14.22 1.88
N LEU H 67 1.85 14.34 0.61
CA LEU H 67 2.63 13.31 -0.04
C LEU H 67 4.14 13.51 0.09
N LEU H 68 4.60 14.73 0.00
CA LEU H 68 6.05 14.87 -0.03
C LEU H 68 6.61 14.93 1.38
N PRO H 69 7.75 14.27 1.62
CA PRO H 69 8.30 14.16 2.97
C PRO H 69 9.08 15.39 3.40
N GLY H 70 8.90 15.76 4.67
CA GLY H 70 9.78 16.68 5.36
C GLY H 70 10.14 17.97 4.64
N GLU H 71 11.40 18.08 4.24
CA GLU H 71 11.89 19.29 3.60
C GLU H 71 11.66 19.33 2.10
N LEU H 72 11.26 18.21 1.48
CA LEU H 72 10.78 18.27 0.11
C LEU H 72 9.50 19.07 0.00
N ALA H 73 8.56 18.88 0.94
CA ALA H 73 7.33 19.65 0.92
C ALA H 73 7.59 21.13 1.18
N LYS H 74 8.46 21.44 2.14
CA LYS H 74 8.74 22.83 2.47
C LYS H 74 9.32 23.57 1.28
N HIS H 75 10.12 22.89 0.47
CA HIS H 75 10.81 23.52 -0.66
C HIS H 75 10.01 23.43 -1.95
N ALA H 76 9.09 22.49 -2.07
CA ALA H 76 8.21 22.42 -3.23
C ALA H 76 7.01 23.36 -3.10
N VAL H 77 6.47 23.50 -1.88
CA VAL H 77 5.43 24.48 -1.63
C VAL H 77 5.94 25.89 -1.85
N SER H 78 7.13 26.20 -1.37
CA SER H 78 7.74 27.51 -1.55
C SER H 78 8.02 27.84 -3.01
N GLU H 79 8.12 26.83 -3.87
CA GLU H 79 8.27 27.06 -5.30
C GLU H 79 6.93 27.12 -6.03
N GLY H 80 5.95 26.36 -5.58
CA GLY H 80 4.61 26.47 -6.14
C GLY H 80 3.96 27.81 -5.84
N THR H 81 4.15 28.32 -4.62
CA THR H 81 3.58 29.61 -4.27
C THR H 81 4.30 30.77 -4.93
N LYS H 82 5.52 30.55 -5.42
CA LYS H 82 6.28 31.57 -6.11
C LYS H 82 6.00 31.62 -7.61
N ALA H 83 5.63 30.49 -8.20
CA ALA H 83 5.27 30.43 -9.62
C ALA H 83 3.85 30.90 -9.89
N VAL H 84 2.95 30.82 -8.91
CA VAL H 84 1.61 31.38 -9.02
C VAL H 84 1.61 32.89 -8.81
N THR H 85 2.39 33.36 -7.84
CA THR H 85 2.57 34.79 -7.64
C THR H 85 3.06 35.46 -8.91
N LYS H 86 4.03 34.85 -9.58
CA LYS H 86 4.53 35.37 -10.84
C LYS H 86 3.57 35.14 -12.00
N TYR H 87 2.81 34.04 -11.97
CA TYR H 87 1.85 33.78 -13.03
C TYR H 87 0.73 34.83 -13.05
N THR H 88 0.26 35.25 -11.88
CA THR H 88 -0.84 36.20 -11.77
C THR H 88 -0.37 37.60 -11.41
N SER H 89 0.88 37.94 -11.73
CA SER H 89 1.42 39.28 -11.46
C SER H 89 1.31 40.12 -12.73
N SER H 90 0.82 41.35 -12.57
CA SER H 90 0.68 42.27 -13.70
C SER H 90 2.03 42.63 -14.30
N PRO K 1 -35.39 -21.61 3.85
CA PRO K 1 -33.97 -21.93 3.70
C PRO K 1 -33.08 -20.70 3.81
N PRO K 2 -32.23 -20.66 4.84
CA PRO K 2 -31.33 -19.52 5.00
C PRO K 2 -30.40 -19.38 3.80
N ARG K 3 -30.02 -18.14 3.51
CA ARG K 3 -29.12 -17.83 2.40
C ARG K 3 -27.72 -18.31 2.76
N ARG K 4 -27.41 -19.54 2.36
CA ARG K 4 -26.15 -20.18 2.73
C ARG K 4 -25.24 -20.27 1.51
N SER K 5 -23.99 -19.91 1.71
CA SER K 5 -23.02 -19.86 0.61
C SER K 5 -22.68 -21.26 0.11
N SER K 6 -22.34 -21.33 -1.18
CA SER K 6 -21.74 -22.51 -1.77
C SER K 6 -20.22 -22.47 -1.75
N ARG K 7 -19.63 -21.42 -1.18
CA ARG K 7 -18.20 -21.24 -1.20
C ARG K 7 -17.51 -22.19 -0.23
N LEU K 8 -16.28 -22.57 -0.56
CA LEU K 8 -15.51 -23.52 0.24
C LEU K 8 -15.21 -22.98 1.63
N PRO L 1 26.04 30.82 -13.39
CA PRO L 1 25.12 30.69 -12.27
C PRO L 1 24.22 29.45 -12.38
N PRO L 2 24.80 28.28 -12.16
CA PRO L 2 24.01 27.04 -12.27
C PRO L 2 22.89 27.00 -11.23
N ARG L 3 21.75 26.44 -11.63
CA ARG L 3 20.61 26.33 -10.73
C ARG L 3 20.85 25.18 -9.75
N ARG L 4 20.99 25.52 -8.48
CA ARG L 4 21.18 24.55 -7.41
C ARG L 4 20.01 24.61 -6.44
N SER L 5 19.98 23.68 -5.50
CA SER L 5 18.90 23.57 -4.53
C SER L 5 19.42 23.93 -3.14
N SER L 6 18.58 24.64 -2.39
CA SER L 6 18.92 25.09 -1.04
C SER L 6 18.58 24.05 0.03
N ARG L 7 18.12 22.87 -0.38
CA ARG L 7 17.81 21.81 0.58
C ARG L 7 19.07 21.30 1.26
#